data_3USX
#
_entry.id   3USX
#
_cell.length_a   89.629
_cell.length_b   101.406
_cell.length_c   163.069
_cell.angle_alpha   90.00
_cell.angle_beta   90.00
_cell.angle_gamma   90.00
#
_symmetry.space_group_name_H-M   'I 2 2 2'
#
loop_
_entity.id
_entity.type
_entity.pdbx_description
1 polymer 'Peptidoglycan recognition protein 1'
2 non-polymer 'MYRISTIC ACID'
3 non-polymer GLYCEROL
4 water water
#
_entity_poly.entity_id   1
_entity_poly.type   'polypeptide(L)'
_entity_poly.pdbx_seq_one_letter_code
;EDPPACGSIVPRREWRALASECRERLTRPVRYVVVSHTAGSHCDTPASCAQQAQNVQSYHVRNLGWCDVGYNFLIGEDGL
VYEGRGWNIKGAHAGPTWNPISIGISFMGNYMNRVPPPRALRAAQNLLACGVALGALRSNYEVKGHRDVQPTLSPGDRLY
EIIQTWSHYRA
;
_entity_poly.pdbx_strand_id   A,B,C,D
#
# COMPACT_ATOMS: atom_id res chain seq x y z
N GLU A 1 -20.58 1.81 -8.22
CA GLU A 1 -19.84 0.77 -7.49
C GLU A 1 -19.28 -0.23 -8.47
N ASP A 2 -18.20 -0.87 -8.03
CA ASP A 2 -17.61 -1.91 -8.81
C ASP A 2 -17.16 -2.96 -7.78
N PRO A 3 -17.66 -4.18 -7.94
CA PRO A 3 -17.21 -5.38 -7.23
C PRO A 3 -16.90 -6.55 -8.16
N PRO A 4 -15.71 -7.18 -8.02
CA PRO A 4 -15.34 -8.35 -8.85
C PRO A 4 -15.22 -9.62 -7.95
N ALA A 5 -14.74 -10.71 -8.53
CA ALA A 5 -14.56 -11.88 -7.71
C ALA A 5 -13.24 -11.66 -7.03
N CYS A 6 -13.12 -10.54 -6.33
CA CYS A 6 -11.86 -10.31 -5.64
C CYS A 6 -11.70 -11.12 -4.37
N GLY A 7 -10.78 -12.07 -4.45
CA GLY A 7 -10.43 -12.94 -3.34
C GLY A 7 -11.50 -13.94 -3.01
N SER A 8 -11.12 -14.96 -2.26
CA SER A 8 -12.03 -16.01 -1.88
C SER A 8 -12.22 -16.01 -0.37
N ILE A 9 -13.47 -16.27 0.03
CA ILE A 9 -13.89 -16.29 1.41
C ILE A 9 -14.93 -17.35 1.64
N VAL A 10 -14.74 -18.13 2.68
CA VAL A 10 -15.73 -19.08 3.12
C VAL A 10 -16.95 -18.29 3.67
N PRO A 11 -18.15 -18.47 3.07
CA PRO A 11 -19.38 -17.77 3.50
C PRO A 11 -19.90 -18.17 4.91
N ARG A 12 -20.54 -17.21 5.57
CA ARG A 12 -21.20 -17.46 6.86
C ARG A 12 -21.87 -18.83 6.97
N ARG A 13 -22.69 -19.15 5.97
CA ARG A 13 -23.49 -20.37 6.00
C ARG A 13 -22.63 -21.62 5.94
N GLU A 14 -21.60 -21.57 5.11
CA GLU A 14 -20.70 -22.70 4.93
C GLU A 14 -20.09 -23.09 6.28
N TRP A 15 -19.78 -22.14 7.18
CA TRP A 15 -19.29 -22.59 8.48
C TRP A 15 -20.39 -22.53 9.57
N ARG A 16 -21.64 -22.55 9.12
CA ARG A 16 -22.84 -22.81 9.90
C ARG A 16 -23.02 -21.78 10.97
N ALA A 17 -22.73 -20.54 10.60
CA ALA A 17 -22.86 -19.42 11.50
C ALA A 17 -24.31 -19.43 11.97
N LEU A 18 -24.54 -18.98 13.20
CA LEU A 18 -25.87 -18.60 13.67
C LEU A 18 -26.17 -17.35 12.86
N ALA A 19 -27.44 -17.03 12.65
CA ALA A 19 -27.73 -15.80 11.91
C ALA A 19 -27.34 -14.52 12.72
N SER A 20 -26.89 -13.49 12.01
CA SER A 20 -26.49 -12.24 12.65
C SER A 20 -27.67 -11.31 13.00
N GLU A 21 -27.53 -10.62 14.13
CA GLU A 21 -28.52 -9.64 14.54
C GLU A 21 -27.88 -8.23 14.50
N CYS A 22 -26.70 -8.11 13.92
CA CYS A 22 -26.00 -6.83 13.86
C CYS A 22 -26.06 -5.82 12.72
N ARG A 23 -26.50 -4.61 13.02
CA ARG A 23 -27.10 -3.62 12.12
C ARG A 23 -26.26 -2.35 11.93
N GLU A 24 -25.48 -1.95 12.89
CA GLU A 24 -24.70 -0.76 12.64
C GLU A 24 -23.75 -0.94 11.48
N ARG A 25 -23.71 0.04 10.63
CA ARG A 25 -22.84 -0.06 9.48
C ARG A 25 -21.53 0.71 9.68
N LEU A 26 -20.48 0.21 9.04
CA LEU A 26 -19.20 0.91 8.96
C LEU A 26 -19.40 1.86 7.76
N THR A 27 -18.57 2.90 7.70
CA THR A 27 -18.68 3.91 6.66
C THR A 27 -17.55 3.64 5.70
N ARG A 28 -17.87 3.23 4.48
CA ARG A 28 -16.83 2.95 3.49
C ARG A 28 -16.30 4.25 2.92
N PRO A 29 -14.98 4.33 2.70
CA PRO A 29 -14.04 3.23 2.93
C PRO A 29 -13.35 3.36 4.30
N VAL A 30 -13.09 2.21 4.93
CA VAL A 30 -12.47 2.09 6.27
C VAL A 30 -10.96 2.28 6.22
N ARG A 31 -10.45 3.12 7.12
CA ARG A 31 -9.04 3.44 7.18
C ARG A 31 -8.16 2.44 7.93
N TYR A 32 -8.74 1.69 8.86
CA TYR A 32 -7.92 0.85 9.72
C TYR A 32 -8.20 -0.60 9.73
N VAL A 33 -7.15 -1.37 9.93
CA VAL A 33 -7.36 -2.80 10.05
C VAL A 33 -6.70 -3.22 11.34
N VAL A 34 -7.42 -3.97 12.14
CA VAL A 34 -6.85 -4.32 13.41
C VAL A 34 -6.70 -5.81 13.48
N VAL A 35 -5.50 -6.27 13.80
CA VAL A 35 -5.22 -7.72 13.80
C VAL A 35 -5.06 -8.23 15.21
N SER A 36 -5.85 -9.25 15.50
CA SER A 36 -5.91 -9.91 16.79
C SER A 36 -5.70 -11.39 16.60
N HIS A 37 -5.66 -12.08 17.72
CA HIS A 37 -5.77 -13.51 17.66
C HIS A 37 -6.97 -13.82 18.54
N THR A 38 -7.47 -15.04 18.46
CA THR A 38 -8.56 -15.49 19.31
C THR A 38 -7.97 -15.96 20.64
N ALA A 39 -6.68 -16.29 20.66
CA ALA A 39 -6.08 -16.97 21.82
C ALA A 39 -6.79 -18.30 22.11
N GLY A 40 -7.42 -18.91 21.10
CA GLY A 40 -8.11 -20.17 21.35
C GLY A 40 -7.48 -21.33 20.60
N SER A 41 -8.05 -22.53 20.75
CA SER A 41 -7.61 -23.71 20.00
C SER A 41 -7.36 -23.34 18.56
N HIS A 42 -6.23 -23.77 17.99
CA HIS A 42 -5.96 -23.54 16.56
C HIS A 42 -6.55 -24.68 15.68
N CYS A 43 -6.51 -24.52 14.36
CA CYS A 43 -7.02 -25.58 13.46
C CYS A 43 -6.44 -25.50 12.05
N ASP A 44 -6.25 -26.66 11.40
CA ASP A 44 -5.57 -26.66 10.11
C ASP A 44 -6.26 -27.37 8.93
N THR A 45 -7.51 -27.78 9.13
CA THR A 45 -8.29 -28.39 8.06
C THR A 45 -9.67 -27.78 7.98
N PRO A 46 -10.16 -27.60 6.75
CA PRO A 46 -11.47 -27.00 6.52
C PRO A 46 -12.48 -27.45 7.56
N ALA A 47 -12.62 -28.75 7.75
CA ALA A 47 -13.54 -29.27 8.73
C ALA A 47 -13.27 -28.69 10.13
N SER A 48 -12.03 -28.81 10.61
CA SER A 48 -11.72 -28.37 11.97
C SER A 48 -11.95 -26.87 12.20
N CYS A 49 -11.64 -26.08 11.17
CA CYS A 49 -11.71 -24.63 11.21
C CYS A 49 -13.05 -23.97 11.00
N ALA A 50 -13.99 -24.68 10.39
CA ALA A 50 -15.32 -24.15 10.19
C ALA A 50 -15.93 -24.26 11.58
N GLN A 51 -15.59 -25.36 12.22
CA GLN A 51 -16.03 -25.72 13.55
C GLN A 51 -15.49 -24.74 14.59
N GLN A 52 -14.26 -24.29 14.38
CA GLN A 52 -13.64 -23.36 15.30
C GLN A 52 -14.31 -21.99 15.15
N ALA A 53 -14.55 -21.57 13.92
CA ALA A 53 -15.22 -20.29 13.71
C ALA A 53 -16.54 -20.37 14.50
N GLN A 54 -17.25 -21.47 14.32
CA GLN A 54 -18.52 -21.74 14.97
C GLN A 54 -18.38 -21.60 16.48
N ASN A 55 -17.29 -22.13 17.03
CA ASN A 55 -17.05 -22.06 18.48
C ASN A 55 -16.79 -20.64 18.97
N VAL A 56 -16.07 -19.87 18.16
CA VAL A 56 -15.76 -18.49 18.49
C VAL A 56 -17.04 -17.65 18.44
N GLN A 57 -17.83 -17.84 17.38
CA GLN A 57 -19.08 -17.13 17.24
C GLN A 57 -20.03 -17.50 18.36
N SER A 58 -20.00 -18.77 18.73
CA SER A 58 -20.87 -19.28 19.78
C SER A 58 -20.52 -18.65 21.14
N TYR A 59 -19.23 -18.48 21.37
CA TYR A 59 -18.80 -17.86 22.61
C TYR A 59 -19.22 -16.37 22.67
N HIS A 60 -19.06 -15.68 21.55
CA HIS A 60 -19.40 -14.27 21.50
C HIS A 60 -20.86 -13.99 21.67
N VAL A 61 -21.69 -14.75 20.94
CA VAL A 61 -23.14 -14.57 20.94
C VAL A 61 -23.80 -15.10 22.20
N ARG A 62 -23.47 -16.32 22.60
CA ARG A 62 -24.13 -16.94 23.74
C ARG A 62 -23.66 -16.48 25.10
N ASN A 63 -22.35 -16.26 25.22
CA ASN A 63 -21.78 -15.93 26.51
C ASN A 63 -21.56 -14.45 26.68
N LEU A 64 -21.11 -13.79 25.62
CA LEU A 64 -20.89 -12.38 25.71
C LEU A 64 -22.14 -11.58 25.27
N GLY A 65 -23.12 -12.23 24.64
CA GLY A 65 -24.37 -11.58 24.24
C GLY A 65 -24.27 -10.63 23.08
N TRP A 66 -23.25 -10.81 22.27
CA TRP A 66 -23.00 -9.93 21.13
C TRP A 66 -23.96 -10.25 20.02
N CYS A 67 -24.12 -9.34 19.05
CA CYS A 67 -25.08 -9.57 17.97
C CYS A 67 -24.63 -10.73 17.07
N ASP A 68 -23.31 -10.90 16.97
CA ASP A 68 -22.64 -11.86 16.05
C ASP A 68 -21.18 -12.01 16.55
N VAL A 69 -20.44 -12.94 15.94
CA VAL A 69 -19.01 -13.11 16.20
C VAL A 69 -18.46 -11.68 16.07
N GLY A 70 -17.53 -11.29 16.93
CA GLY A 70 -17.09 -9.91 16.91
C GLY A 70 -16.19 -9.52 15.78
N TYR A 71 -15.51 -10.50 15.20
CA TYR A 71 -14.54 -10.19 14.16
C TYR A 71 -15.16 -9.96 12.81
N ASN A 72 -14.57 -9.05 12.06
CA ASN A 72 -15.07 -8.87 10.70
C ASN A 72 -14.76 -10.11 9.83
N PHE A 73 -13.61 -10.73 10.09
CA PHE A 73 -13.19 -11.95 9.40
C PHE A 73 -12.28 -12.74 10.31
N LEU A 74 -12.43 -14.08 10.31
CA LEU A 74 -11.45 -14.94 10.97
C LEU A 74 -10.46 -15.55 9.93
N ILE A 75 -9.36 -16.12 10.45
CA ILE A 75 -8.33 -16.74 9.62
C ILE A 75 -7.96 -18.11 10.16
N GLY A 76 -8.00 -19.08 9.26
CA GLY A 76 -7.59 -20.42 9.63
C GLY A 76 -6.14 -20.70 9.24
N GLU A 77 -5.54 -21.67 9.93
CA GLU A 77 -4.20 -22.10 9.55
C GLU A 77 -4.40 -22.97 8.28
N ASP A 78 -5.66 -23.25 7.96
CA ASP A 78 -5.99 -24.10 6.82
C ASP A 78 -5.90 -23.33 5.57
N GLY A 79 -5.47 -22.08 5.73
CA GLY A 79 -5.28 -21.19 4.60
C GLY A 79 -6.54 -20.48 4.13
N LEU A 80 -7.65 -20.69 4.82
CA LEU A 80 -8.89 -20.03 4.44
C LEU A 80 -9.35 -18.89 5.36
N VAL A 81 -9.83 -17.84 4.71
CA VAL A 81 -10.50 -16.70 5.35
C VAL A 81 -11.97 -17.14 5.58
N TYR A 82 -12.52 -16.80 6.72
CA TYR A 82 -13.88 -17.10 7.11
C TYR A 82 -14.56 -15.78 7.42
N GLU A 83 -15.70 -15.60 6.78
CA GLU A 83 -16.50 -14.39 6.93
C GLU A 83 -17.12 -14.24 8.34
N GLY A 84 -16.88 -13.09 8.98
CA GLY A 84 -17.53 -12.74 10.25
C GLY A 84 -18.68 -11.78 9.88
N ARG A 85 -18.59 -10.52 10.33
CA ARG A 85 -19.58 -9.49 10.05
C ARG A 85 -19.35 -8.89 8.64
N GLY A 86 -18.20 -9.16 8.04
CA GLY A 86 -17.95 -8.70 6.68
C GLY A 86 -17.44 -7.29 6.57
N TRP A 87 -17.39 -6.78 5.34
CA TRP A 87 -16.90 -5.43 5.14
C TRP A 87 -17.83 -4.33 5.59
N ASN A 88 -19.12 -4.61 5.70
CA ASN A 88 -20.06 -3.51 5.86
C ASN A 88 -20.57 -3.12 7.22
N ILE A 89 -20.49 -4.10 8.14
CA ILE A 89 -21.01 -4.07 9.50
C ILE A 89 -19.93 -3.92 10.59
N LYS A 90 -20.15 -3.00 11.52
CA LYS A 90 -19.25 -2.74 12.62
C LYS A 90 -19.05 -3.97 13.49
N GLY A 91 -17.81 -4.26 13.88
CA GLY A 91 -17.58 -5.43 14.69
C GLY A 91 -17.38 -5.03 16.13
N ALA A 92 -17.16 -6.04 16.99
CA ALA A 92 -16.75 -5.83 18.39
C ALA A 92 -15.48 -6.56 18.82
N HIS A 93 -14.33 -6.03 18.36
CA HIS A 93 -13.01 -6.63 18.59
C HIS A 93 -12.13 -5.69 19.41
N ALA A 94 -12.20 -4.39 19.15
CA ALA A 94 -11.17 -3.47 19.65
C ALA A 94 -11.66 -2.30 20.52
N GLY A 95 -12.82 -2.43 21.16
CA GLY A 95 -13.19 -1.29 22.00
C GLY A 95 -13.99 -0.24 21.21
N PRO A 96 -14.66 0.66 21.97
CA PRO A 96 -15.48 1.70 21.33
C PRO A 96 -14.98 2.83 20.57
N THR A 97 -13.68 3.00 20.68
CA THR A 97 -12.98 4.00 19.89
C THR A 97 -12.50 3.41 18.53
N TRP A 98 -12.18 2.11 18.50
CA TRP A 98 -11.68 1.52 17.25
C TRP A 98 -12.67 0.71 16.42
N ASN A 99 -13.61 0.05 17.09
CA ASN A 99 -14.67 -0.68 16.40
C ASN A 99 -15.40 0.13 15.31
N PRO A 100 -15.74 1.40 15.60
CA PRO A 100 -16.43 2.13 14.53
C PRO A 100 -15.62 2.37 13.25
N ILE A 101 -14.28 2.44 13.32
CA ILE A 101 -13.44 3.01 12.25
C ILE A 101 -12.43 2.01 11.69
N SER A 102 -12.62 0.74 12.08
CA SER A 102 -11.75 -0.34 11.64
C SER A 102 -12.45 -1.61 11.12
N ILE A 103 -11.62 -2.44 10.51
CA ILE A 103 -11.97 -3.80 10.11
C ILE A 103 -11.07 -4.64 11.06
N GLY A 104 -11.64 -5.63 11.76
CA GLY A 104 -10.88 -6.46 12.66
C GLY A 104 -10.82 -7.87 12.12
N ILE A 105 -9.61 -8.39 11.91
CA ILE A 105 -9.43 -9.77 11.44
C ILE A 105 -8.67 -10.48 12.55
N SER A 106 -9.06 -11.71 12.83
CA SER A 106 -8.47 -12.42 13.92
C SER A 106 -8.04 -13.80 13.50
N PHE A 107 -6.73 -14.04 13.58
CA PHE A 107 -6.18 -15.37 13.30
C PHE A 107 -6.92 -16.18 14.38
N MET A 108 -7.23 -17.43 14.06
CA MET A 108 -7.76 -18.35 15.04
C MET A 108 -6.80 -19.27 15.83
N GLY A 109 -6.23 -18.70 16.90
CA GLY A 109 -5.41 -19.48 17.81
C GLY A 109 -4.59 -18.59 18.73
N ASN A 110 -3.57 -19.17 19.33
CA ASN A 110 -2.67 -18.44 20.24
C ASN A 110 -1.30 -18.28 19.58
N TYR A 111 -0.90 -17.02 19.31
CA TYR A 111 0.37 -16.73 18.65
C TYR A 111 1.45 -16.06 19.54
N MET A 112 1.48 -16.52 20.77
CA MET A 112 2.48 -16.11 21.78
C MET A 112 3.78 -16.87 21.51
N ASN A 113 3.68 -18.21 21.44
CA ASN A 113 4.84 -19.07 21.15
C ASN A 113 4.87 -19.63 19.70
N ARG A 114 3.80 -19.45 18.93
CA ARG A 114 3.77 -19.98 17.56
C ARG A 114 3.53 -18.91 16.53
N VAL A 115 3.83 -19.23 15.29
CA VAL A 115 3.50 -18.34 14.19
C VAL A 115 2.47 -18.99 13.27
N PRO A 116 1.79 -18.16 12.44
CA PRO A 116 0.82 -18.79 11.54
C PRO A 116 1.54 -19.11 10.20
N PRO A 117 1.11 -20.20 9.56
CA PRO A 117 1.63 -20.70 8.28
C PRO A 117 1.73 -19.63 7.18
N PRO A 118 2.74 -19.72 6.30
CA PRO A 118 2.74 -18.67 5.28
C PRO A 118 1.38 -18.54 4.54
N ARG A 119 0.51 -19.57 4.61
CA ARG A 119 -0.80 -19.53 3.93
C ARG A 119 -1.85 -18.73 4.73
N ALA A 120 -1.78 -18.82 6.05
CA ALA A 120 -2.63 -18.03 6.92
C ALA A 120 -2.35 -16.54 6.65
N LEU A 121 -1.07 -16.17 6.55
CA LEU A 121 -0.63 -14.78 6.32
C LEU A 121 -0.97 -14.29 4.93
N ARG A 122 -0.89 -15.23 3.98
CA ARG A 122 -1.27 -14.97 2.59
C ARG A 122 -2.79 -14.67 2.52
N ALA A 123 -3.60 -15.52 3.13
CA ALA A 123 -5.02 -15.32 3.18
C ALA A 123 -5.32 -13.89 3.66
N ALA A 124 -4.74 -13.53 4.81
CA ALA A 124 -5.00 -12.24 5.41
C ALA A 124 -4.59 -11.11 4.50
N GLN A 125 -3.39 -11.18 3.95
CA GLN A 125 -2.94 -10.09 3.11
C GLN A 125 -3.78 -10.02 1.82
N ASN A 126 -4.17 -11.18 1.28
CA ASN A 126 -5.04 -11.17 0.08
C ASN A 126 -6.43 -10.62 0.44
N LEU A 127 -6.99 -11.07 1.57
CA LEU A 127 -8.23 -10.47 2.05
C LEU A 127 -8.14 -8.93 2.00
N LEU A 128 -7.06 -8.34 2.52
CA LEU A 128 -6.96 -6.87 2.56
C LEU A 128 -6.85 -6.20 1.20
N ALA A 129 -6.08 -6.73 0.29
CA ALA A 129 -6.08 -6.14 -1.02
C ALA A 129 -7.45 -6.25 -1.63
N CYS A 130 -8.11 -7.36 -1.45
CA CYS A 130 -9.48 -7.41 -1.93
C CYS A 130 -10.35 -6.34 -1.28
N GLY A 131 -10.23 -6.21 0.04
CA GLY A 131 -10.91 -5.15 0.73
C GLY A 131 -10.73 -3.84 -0.04
N VAL A 132 -9.53 -3.63 -0.56
CA VAL A 132 -9.19 -2.40 -1.27
C VAL A 132 -9.78 -2.35 -2.67
N ALA A 133 -9.70 -3.49 -3.36
CA ALA A 133 -10.28 -3.68 -4.70
C ALA A 133 -11.78 -3.31 -4.64
N LEU A 134 -12.46 -3.85 -3.63
CA LEU A 134 -13.86 -3.62 -3.37
C LEU A 134 -14.21 -2.22 -2.89
N GLY A 135 -13.24 -1.44 -2.41
CA GLY A 135 -13.54 -0.10 -1.91
C GLY A 135 -14.04 -0.07 -0.46
N ALA A 136 -13.87 -1.20 0.22
CA ALA A 136 -14.22 -1.32 1.62
C ALA A 136 -13.08 -0.69 2.44
N LEU A 137 -11.85 -0.87 1.97
CA LEU A 137 -10.74 -0.20 2.59
C LEU A 137 -10.24 0.93 1.72
N ARG A 138 -9.61 1.84 2.40
CA ARG A 138 -8.85 2.85 1.73
C ARG A 138 -7.58 2.19 1.13
N SER A 139 -7.15 2.72 -0.02
CA SER A 139 -5.84 2.33 -0.58
C SER A 139 -4.73 2.66 0.42
N ASN A 140 -4.78 3.84 1.07
CA ASN A 140 -3.76 4.14 2.09
C ASN A 140 -4.16 3.66 3.49
N TYR A 141 -4.70 2.44 3.57
CA TYR A 141 -5.10 1.94 4.86
C TYR A 141 -3.91 1.58 5.74
N GLU A 142 -4.16 1.53 7.04
CA GLU A 142 -3.12 1.21 7.97
C GLU A 142 -3.57 0.04 8.80
N VAL A 143 -2.64 -0.88 9.09
CA VAL A 143 -2.86 -2.07 9.91
C VAL A 143 -2.31 -1.84 11.33
N LYS A 144 -2.97 -2.35 12.38
CA LYS A 144 -2.46 -2.12 13.73
C LYS A 144 -2.59 -3.42 14.39
N GLY A 145 -1.74 -3.72 15.36
CA GLY A 145 -1.99 -4.93 16.13
C GLY A 145 -3.08 -4.62 17.17
N HIS A 146 -3.68 -5.65 17.74
CA HIS A 146 -4.70 -5.41 18.76
C HIS A 146 -4.05 -4.63 19.94
N ARG A 147 -2.90 -5.16 20.41
CA ARG A 147 -2.08 -4.51 21.42
C ARG A 147 -1.72 -3.02 21.17
N ASP A 148 -1.85 -2.51 19.95
CA ASP A 148 -1.55 -1.08 19.71
C ASP A 148 -2.73 -0.22 20.19
N VAL A 149 -3.95 -0.74 20.11
CA VAL A 149 -5.13 0.08 20.30
C VAL A 149 -5.90 -0.28 21.56
N GLN A 150 -5.56 -1.44 22.13
CA GLN A 150 -6.10 -1.91 23.41
C GLN A 150 -5.02 -2.60 24.25
N PRO A 151 -5.17 -2.57 25.59
CA PRO A 151 -4.21 -3.21 26.52
C PRO A 151 -4.39 -4.76 26.52
N THR A 152 -3.57 -5.42 25.69
CA THR A 152 -3.70 -6.85 25.45
C THR A 152 -2.44 -7.43 24.83
N LEU A 153 -2.33 -8.76 24.97
CA LEU A 153 -1.21 -9.50 24.40
C LEU A 153 -1.56 -10.16 23.06
N SER A 154 -2.78 -9.94 22.59
CA SER A 154 -3.25 -10.11 21.21
C SER A 154 -2.52 -9.06 20.35
N PRO A 155 -2.16 -9.44 19.10
CA PRO A 155 -2.36 -10.70 18.38
C PRO A 155 -1.41 -11.84 18.71
N GLY A 156 -0.59 -11.66 19.74
CA GLY A 156 0.39 -12.69 20.12
C GLY A 156 1.77 -12.22 19.71
N ASP A 157 2.74 -12.34 20.61
CA ASP A 157 4.07 -11.84 20.31
C ASP A 157 4.66 -12.32 18.98
N ARG A 158 4.50 -13.60 18.66
CA ARG A 158 5.06 -14.12 17.43
C ARG A 158 4.46 -13.47 16.18
N LEU A 159 3.12 -13.43 16.14
CA LEU A 159 2.35 -12.82 15.05
C LEU A 159 2.49 -11.29 15.05
N TYR A 160 2.48 -10.66 16.23
CA TYR A 160 2.64 -9.18 16.29
C TYR A 160 3.93 -8.74 15.63
N GLU A 161 4.98 -9.52 15.90
CA GLU A 161 6.31 -9.31 15.34
C GLU A 161 6.22 -9.48 13.86
N ILE A 162 5.43 -10.49 13.43
CA ILE A 162 5.31 -10.69 12.01
C ILE A 162 4.59 -9.56 11.30
N ILE A 163 3.50 -9.04 11.88
CA ILE A 163 2.71 -8.02 11.18
C ILE A 163 3.35 -6.65 11.23
N GLN A 164 4.36 -6.52 12.07
CA GLN A 164 5.12 -5.29 12.10
C GLN A 164 5.83 -5.04 10.76
N THR A 165 6.01 -6.12 9.99
CA THR A 165 6.76 -6.05 8.72
C THR A 165 5.92 -5.85 7.50
N TRP A 166 4.64 -5.55 7.68
CA TRP A 166 3.76 -5.39 6.52
C TRP A 166 3.82 -3.97 5.99
N SER A 167 3.68 -3.88 4.69
CA SER A 167 3.64 -2.64 3.95
C SER A 167 2.75 -1.53 4.58
N HIS A 168 1.58 -1.94 5.06
CA HIS A 168 0.58 -1.00 5.53
C HIS A 168 0.60 -0.80 7.04
N TYR A 169 1.45 -1.57 7.71
CA TYR A 169 1.60 -1.42 9.15
C TYR A 169 2.14 -0.05 9.61
N ARG A 170 1.32 0.61 10.38
CA ARG A 170 1.69 1.79 11.04
C ARG A 170 1.28 1.67 12.49
N ALA A 171 2.19 2.05 13.33
CA ALA A 171 1.89 2.17 14.74
C ALA A 171 2.45 3.59 15.09
N GLU B 1 6.59 -11.58 -0.32
CA GLU B 1 6.93 -10.13 -0.18
C GLU B 1 7.55 -9.53 -1.46
N ASP B 2 6.84 -8.65 -2.16
CA ASP B 2 5.43 -8.29 -1.96
C ASP B 2 4.93 -7.51 -3.20
N PRO B 3 3.62 -7.40 -3.45
CA PRO B 3 2.55 -7.95 -2.59
C PRO B 3 2.28 -9.44 -2.87
N PRO B 4 2.57 -10.30 -1.88
CA PRO B 4 2.37 -11.74 -2.06
C PRO B 4 0.94 -12.16 -1.74
N ALA B 5 0.03 -11.53 -2.49
CA ALA B 5 -1.36 -11.92 -2.75
C ALA B 5 -1.10 -12.64 -4.06
N CYS B 6 -2.03 -12.96 -4.93
CA CYS B 6 -3.40 -12.62 -5.08
C CYS B 6 -3.84 -13.97 -5.53
N GLY B 7 -5.13 -14.27 -5.52
CA GLY B 7 -5.45 -15.69 -5.51
C GLY B 7 -4.93 -16.56 -4.39
N SER B 8 -3.95 -16.04 -3.66
CA SER B 8 -3.28 -16.74 -2.55
C SER B 8 -2.80 -18.13 -2.92
N ILE B 9 -2.06 -18.16 -4.03
CA ILE B 9 -1.49 -19.36 -4.55
C ILE B 9 -0.38 -19.94 -3.64
N VAL B 10 -0.50 -21.23 -3.32
CA VAL B 10 0.58 -21.98 -2.67
C VAL B 10 1.78 -21.97 -3.67
N PRO B 11 2.99 -21.70 -3.14
CA PRO B 11 4.13 -21.66 -4.05
C PRO B 11 4.78 -22.98 -4.24
N ARG B 12 5.43 -23.15 -5.40
CA ARG B 12 6.14 -24.38 -5.73
C ARG B 12 6.89 -24.99 -4.55
N ARG B 13 7.65 -24.17 -3.81
CA ARG B 13 8.46 -24.72 -2.71
C ARG B 13 7.68 -25.21 -1.52
N GLU B 14 6.52 -24.60 -1.28
CA GLU B 14 5.70 -24.98 -0.16
C GLU B 14 5.13 -26.41 -0.31
N TRP B 15 4.84 -26.83 -1.56
CA TRP B 15 4.47 -28.29 -1.71
C TRP B 15 5.62 -29.22 -1.97
N ARG B 16 6.86 -28.78 -1.72
CA ARG B 16 8.15 -29.50 -1.83
C ARG B 16 8.30 -30.04 -3.21
N ALA B 17 8.15 -29.15 -4.19
CA ALA B 17 8.22 -29.46 -5.59
C ALA B 17 9.63 -29.53 -6.05
N LEU B 18 9.87 -30.47 -6.97
CA LEU B 18 11.13 -30.56 -7.69
C LEU B 18 11.10 -29.29 -8.54
N ALA B 19 12.29 -28.80 -8.88
CA ALA B 19 12.48 -27.55 -9.66
C ALA B 19 12.02 -27.68 -11.10
N SER B 20 11.53 -26.60 -11.70
CA SER B 20 11.11 -26.63 -13.09
C SER B 20 12.21 -26.43 -14.12
N GLU B 21 12.07 -27.13 -15.24
CA GLU B 21 13.06 -27.06 -16.29
C GLU B 21 12.42 -26.58 -17.57
N CYS B 22 11.14 -26.28 -17.53
CA CYS B 22 10.44 -25.79 -18.72
C CYS B 22 10.42 -24.32 -19.07
N ARG B 23 10.82 -24.00 -20.28
CA ARG B 23 11.28 -22.71 -20.68
C ARG B 23 10.38 -22.06 -21.72
N GLU B 24 9.53 -22.84 -22.35
CA GLU B 24 8.67 -22.28 -23.39
C GLU B 24 7.65 -21.36 -22.77
N ARG B 25 7.58 -20.13 -23.29
CA ARG B 25 6.72 -19.13 -22.68
C ARG B 25 5.40 -18.86 -23.40
N LEU B 26 4.36 -18.60 -22.61
CA LEU B 26 3.02 -18.31 -23.09
C LEU B 26 2.90 -16.89 -23.68
N THR B 27 2.58 -16.80 -24.99
CA THR B 27 2.32 -15.51 -25.69
C THR B 27 0.99 -14.92 -25.09
N ARG B 28 1.06 -13.69 -24.57
CA ARG B 28 -0.08 -13.07 -23.86
C ARG B 28 -0.85 -11.98 -24.63
N PRO B 29 -2.11 -11.68 -24.21
CA PRO B 29 -2.86 -12.29 -23.10
C PRO B 29 -3.46 -13.63 -23.55
N VAL B 30 -3.69 -14.54 -22.60
CA VAL B 30 -4.21 -15.89 -22.96
C VAL B 30 -5.75 -15.97 -23.03
N ARG B 31 -6.25 -16.49 -24.14
CA ARG B 31 -7.66 -16.60 -24.33
C ARG B 31 -8.39 -17.72 -23.59
N TYR B 32 -7.71 -18.83 -23.33
CA TYR B 32 -8.43 -19.98 -22.82
C TYR B 32 -7.97 -20.54 -21.53
N VAL B 33 -8.95 -21.10 -20.84
CA VAL B 33 -8.65 -21.83 -19.64
C VAL B 33 -9.20 -23.22 -19.91
N VAL B 34 -8.38 -24.24 -19.66
CA VAL B 34 -8.87 -25.60 -19.80
C VAL B 34 -8.90 -26.21 -18.41
N VAL B 35 -10.07 -26.72 -18.05
CA VAL B 35 -10.27 -27.32 -16.74
C VAL B 35 -10.23 -28.81 -16.88
N SER B 36 -9.42 -29.44 -16.02
CA SER B 36 -9.24 -30.89 -16.08
C SER B 36 -9.42 -31.49 -14.70
N HIS B 37 -9.34 -32.77 -14.59
CA HIS B 37 -9.18 -33.35 -13.33
C HIS B 37 -7.91 -34.10 -13.45
N THR B 38 -7.36 -34.52 -12.31
CA THR B 38 -6.09 -35.25 -12.35
C THR B 38 -6.40 -36.70 -12.64
N ALA B 39 -7.59 -37.12 -12.20
CA ALA B 39 -8.02 -38.51 -12.09
C ALA B 39 -7.08 -39.23 -11.09
N GLY B 40 -6.53 -38.48 -10.13
CA GLY B 40 -5.67 -39.06 -9.11
C GLY B 40 -6.49 -39.14 -7.82
N SER B 41 -5.82 -39.43 -6.72
CA SER B 41 -6.46 -39.41 -5.42
C SER B 41 -6.89 -37.96 -5.05
N HIS B 42 -8.02 -37.87 -4.35
CA HIS B 42 -8.49 -36.59 -3.79
C HIS B 42 -7.71 -36.35 -2.50
N CYS B 43 -7.78 -35.11 -2.03
CA CYS B 43 -7.18 -34.74 -0.77
C CYS B 43 -8.02 -33.60 -0.18
N ASP B 44 -8.22 -33.62 1.14
CA ASP B 44 -9.02 -32.59 1.82
C ASP B 44 -8.34 -31.73 2.91
N THR B 45 -7.06 -31.99 3.21
CA THR B 45 -6.28 -31.16 4.17
C THR B 45 -5.00 -30.68 3.46
N PRO B 46 -4.62 -29.39 3.60
CA PRO B 46 -3.40 -28.85 2.97
C PRO B 46 -2.22 -29.80 2.98
N ALA B 47 -2.09 -30.57 4.07
CA ALA B 47 -1.05 -31.57 4.18
C ALA B 47 -1.25 -32.65 3.08
N SER B 48 -2.48 -33.17 2.94
CA SER B 48 -2.71 -34.18 1.90
C SER B 48 -2.66 -33.61 0.46
N CYS B 49 -3.01 -32.34 0.27
CA CYS B 49 -2.95 -31.68 -1.06
C CYS B 49 -1.55 -31.19 -1.49
N ALA B 50 -0.69 -30.96 -0.49
CA ALA B 50 0.76 -30.79 -0.74
C ALA B 50 1.31 -32.17 -1.21
N GLN B 51 1.01 -33.26 -0.48
CA GLN B 51 1.49 -34.59 -0.86
C GLN B 51 0.97 -34.96 -2.25
N GLN B 52 -0.33 -34.78 -2.49
CA GLN B 52 -0.92 -35.07 -3.80
C GLN B 52 -0.33 -34.27 -4.96
N ALA B 53 -0.02 -32.98 -4.75
CA ALA B 53 0.59 -32.20 -5.84
C ALA B 53 1.98 -32.75 -6.16
N GLN B 54 2.71 -33.12 -5.13
CA GLN B 54 4.02 -33.69 -5.22
C GLN B 54 3.99 -35.00 -5.97
N ASN B 55 3.02 -35.84 -5.67
CA ASN B 55 2.82 -37.09 -6.38
C ASN B 55 2.52 -36.90 -7.87
N VAL B 56 1.68 -35.94 -8.21
CA VAL B 56 1.34 -35.75 -9.60
C VAL B 56 2.56 -35.32 -10.36
N GLN B 57 3.30 -34.39 -9.75
CA GLN B 57 4.45 -33.76 -10.41
C GLN B 57 5.57 -34.73 -10.74
N SER B 58 5.84 -35.57 -9.75
CA SER B 58 6.85 -36.61 -9.85
C SER B 58 6.46 -37.56 -10.95
N TYR B 59 5.22 -38.05 -10.90
CA TYR B 59 4.74 -38.86 -12.03
C TYR B 59 5.03 -38.20 -13.40
N HIS B 60 4.74 -36.93 -13.51
CA HIS B 60 5.04 -36.23 -14.74
C HIS B 60 6.51 -36.10 -15.04
N VAL B 61 7.34 -35.94 -14.03
CA VAL B 61 8.75 -35.65 -14.24
C VAL B 61 9.55 -36.90 -14.38
N ARG B 62 9.43 -37.80 -13.40
CA ARG B 62 10.12 -39.07 -13.42
C ARG B 62 9.57 -40.06 -14.46
N ASN B 63 8.25 -40.20 -14.59
CA ASN B 63 7.77 -41.20 -15.52
C ASN B 63 7.54 -40.78 -16.94
N LEU B 64 7.00 -39.58 -17.12
CA LEU B 64 6.74 -39.08 -18.45
C LEU B 64 7.90 -38.26 -19.01
N GLY B 65 8.85 -37.92 -18.14
CA GLY B 65 10.00 -37.16 -18.59
C GLY B 65 9.65 -35.74 -18.97
N TRP B 66 8.62 -35.16 -18.35
CA TRP B 66 8.32 -33.76 -18.64
C TRP B 66 9.19 -32.79 -17.82
N CYS B 67 9.38 -31.59 -18.36
CA CYS B 67 10.15 -30.55 -17.71
C CYS B 67 9.54 -30.13 -16.36
N ASP B 68 8.25 -30.33 -16.18
CA ASP B 68 7.60 -30.02 -14.89
C ASP B 68 6.19 -30.63 -14.90
N VAL B 69 5.53 -30.58 -13.72
CA VAL B 69 4.12 -30.90 -13.64
C VAL B 69 3.47 -30.18 -14.85
N GLY B 70 2.61 -30.93 -15.53
CA GLY B 70 2.00 -30.43 -16.75
C GLY B 70 1.01 -29.30 -16.66
N TYR B 71 0.39 -29.13 -15.49
CA TYR B 71 -0.64 -28.10 -15.37
C TYR B 71 -0.14 -26.73 -14.91
N ASN B 72 -0.68 -25.65 -15.49
CA ASN B 72 -0.35 -24.30 -15.00
C ASN B 72 -0.70 -24.12 -13.50
N PHE B 73 -1.79 -24.73 -13.03
CA PHE B 73 -2.12 -24.68 -11.60
C PHE B 73 -2.99 -25.88 -11.23
N LEU B 74 -2.97 -26.24 -9.96
CA LEU B 74 -3.78 -27.35 -9.44
C LEU B 74 -4.71 -26.89 -8.29
N ILE B 75 -5.78 -27.62 -8.02
CA ILE B 75 -6.80 -27.19 -7.04
C ILE B 75 -7.20 -28.34 -6.14
N GLY B 76 -6.98 -28.19 -4.83
CA GLY B 76 -7.29 -29.27 -3.90
C GLY B 76 -8.76 -29.31 -3.54
N GLU B 77 -9.18 -30.29 -2.74
CA GLU B 77 -10.44 -30.19 -2.06
C GLU B 77 -10.20 -29.63 -0.65
N ASP B 78 -8.99 -29.06 -0.51
CA ASP B 78 -8.54 -28.35 0.66
C ASP B 78 -9.04 -26.90 0.54
N GLY B 79 -9.19 -26.39 -0.69
CA GLY B 79 -9.61 -25.01 -0.92
C GLY B 79 -8.54 -24.05 -1.46
N LEU B 80 -7.35 -24.59 -1.75
CA LEU B 80 -6.25 -23.77 -2.29
C LEU B 80 -5.82 -24.14 -3.72
N VAL B 81 -5.26 -23.14 -4.39
CA VAL B 81 -4.68 -23.15 -5.74
C VAL B 81 -3.17 -23.39 -5.54
N TYR B 82 -2.64 -24.33 -6.32
CA TYR B 82 -1.27 -24.85 -6.18
C TYR B 82 -0.55 -24.54 -7.43
N GLU B 83 0.54 -23.82 -7.27
CA GLU B 83 1.22 -23.30 -8.42
C GLU B 83 1.84 -24.45 -9.18
N GLY B 84 1.68 -24.42 -10.49
CA GLY B 84 2.30 -25.41 -11.33
C GLY B 84 3.26 -24.63 -12.21
N ARG B 85 3.01 -24.68 -13.51
CA ARG B 85 3.84 -23.97 -14.44
C ARG B 85 3.50 -22.46 -14.37
N GLY B 86 2.46 -22.13 -13.59
CA GLY B 86 2.12 -20.73 -13.30
C GLY B 86 1.58 -20.04 -14.51
N TRP B 87 1.50 -18.71 -14.45
CA TRP B 87 0.94 -17.92 -15.53
C TRP B 87 1.77 -17.81 -16.77
N ASN B 88 3.08 -18.01 -16.72
CA ASN B 88 3.83 -17.72 -17.95
C ASN B 88 4.49 -18.83 -18.69
N ILE B 89 4.63 -19.96 -18.00
CA ILE B 89 5.23 -21.11 -18.59
C ILE B 89 4.06 -21.85 -19.26
N LYS B 90 4.20 -22.09 -20.58
CA LYS B 90 3.38 -23.06 -21.35
C LYS B 90 3.30 -24.43 -20.63
N GLY B 91 2.08 -24.96 -20.54
CA GLY B 91 1.88 -26.22 -19.84
C GLY B 91 1.75 -27.45 -20.73
N ALA B 92 1.63 -28.62 -20.10
CA ALA B 92 1.38 -29.87 -20.85
C ALA B 92 0.15 -30.79 -21.02
N HIS B 93 -1.05 -30.24 -20.89
CA HIS B 93 -2.29 -30.72 -20.27
C HIS B 93 -3.41 -30.95 -21.29
N ALA B 94 -3.38 -30.18 -22.37
CA ALA B 94 -4.47 -30.19 -23.34
C ALA B 94 -4.02 -30.48 -24.77
N GLY B 95 -2.78 -30.93 -24.92
CA GLY B 95 -2.34 -31.32 -26.25
C GLY B 95 -1.73 -30.16 -27.00
N PRO B 96 -1.13 -30.47 -28.18
CA PRO B 96 -0.49 -29.46 -29.03
C PRO B 96 -1.18 -28.30 -29.55
N THR B 97 -2.47 -28.45 -29.73
CA THR B 97 -3.24 -27.33 -30.25
C THR B 97 -3.62 -26.36 -29.11
N TRP B 98 -3.98 -26.91 -27.96
CA TRP B 98 -4.44 -26.08 -26.87
C TRP B 98 -3.41 -25.62 -25.84
N ASN B 99 -2.33 -26.39 -25.69
CA ASN B 99 -1.28 -26.07 -24.71
C ASN B 99 -0.71 -24.66 -24.85
N PRO B 100 -0.42 -24.21 -26.07
CA PRO B 100 0.12 -22.85 -26.22
C PRO B 100 -0.89 -21.72 -26.03
N ILE B 101 -2.17 -21.99 -26.28
CA ILE B 101 -3.17 -20.93 -26.32
C ILE B 101 -4.19 -21.03 -25.17
N SER B 102 -3.71 -21.46 -24.01
CA SER B 102 -4.57 -21.65 -22.84
C SER B 102 -3.76 -21.85 -21.57
N ILE B 103 -4.44 -21.66 -20.44
CA ILE B 103 -3.88 -21.91 -19.12
C ILE B 103 -4.62 -23.17 -18.65
N GLY B 104 -3.90 -24.14 -18.11
CA GLY B 104 -4.61 -25.32 -17.69
C GLY B 104 -4.69 -25.41 -16.21
N ILE B 105 -5.89 -25.60 -15.69
CA ILE B 105 -6.05 -25.77 -14.26
C ILE B 105 -6.64 -27.19 -14.00
N SER B 106 -6.10 -27.90 -13.02
CA SER B 106 -6.58 -29.24 -12.78
C SER B 106 -6.97 -29.42 -11.35
N PHE B 107 -8.18 -29.94 -11.16
CA PHE B 107 -8.68 -30.29 -9.84
C PHE B 107 -8.12 -31.68 -9.42
N MET B 108 -7.47 -31.71 -8.27
CA MET B 108 -6.88 -32.93 -7.79
C MET B 108 -7.93 -33.92 -7.28
N GLY B 109 -8.23 -34.91 -8.13
CA GLY B 109 -9.15 -35.99 -7.79
C GLY B 109 -9.89 -36.50 -9.03
N ASN B 110 -10.81 -37.43 -8.85
CA ASN B 110 -11.63 -37.95 -9.96
C ASN B 110 -13.08 -37.48 -9.79
N TYR B 111 -13.59 -36.71 -10.74
CA TYR B 111 -14.93 -36.12 -10.56
C TYR B 111 -15.98 -36.65 -11.49
N MET B 112 -15.89 -37.95 -11.73
CA MET B 112 -16.89 -38.63 -12.52
C MET B 112 -18.15 -38.82 -11.68
N ASN B 113 -18.00 -39.21 -10.41
CA ASN B 113 -19.14 -39.46 -9.54
C ASN B 113 -19.12 -38.68 -8.22
N ARG B 114 -18.48 -37.52 -8.21
CA ARG B 114 -18.58 -36.53 -7.13
C ARG B 114 -18.15 -35.15 -7.59
N VAL B 115 -18.45 -34.13 -6.84
CA VAL B 115 -18.06 -32.76 -7.18
C VAL B 115 -16.97 -32.20 -6.27
N PRO B 116 -16.34 -31.07 -6.69
CA PRO B 116 -15.29 -30.46 -5.85
C PRO B 116 -16.14 -29.55 -4.89
N PRO B 117 -15.77 -29.46 -3.61
CA PRO B 117 -16.51 -28.64 -2.66
C PRO B 117 -16.53 -27.22 -3.13
N PRO B 118 -17.50 -26.42 -2.63
CA PRO B 118 -17.50 -25.03 -3.10
C PRO B 118 -16.19 -24.27 -2.91
N ARG B 119 -15.41 -24.60 -1.87
CA ARG B 119 -14.12 -23.88 -1.65
C ARG B 119 -13.21 -24.20 -2.84
N ALA B 120 -13.18 -25.47 -3.25
CA ALA B 120 -12.37 -25.82 -4.39
C ALA B 120 -12.84 -24.97 -5.57
N LEU B 121 -14.14 -24.83 -5.75
CA LEU B 121 -14.66 -24.09 -6.91
C LEU B 121 -14.37 -22.61 -6.79
N ARG B 122 -14.53 -22.11 -5.55
CA ARG B 122 -14.21 -20.71 -5.22
C ARG B 122 -12.75 -20.33 -5.59
N ALA B 123 -11.78 -21.13 -5.13
CA ALA B 123 -10.39 -20.81 -5.46
C ALA B 123 -10.15 -20.76 -6.96
N ALA B 124 -10.68 -21.75 -7.69
CA ALA B 124 -10.51 -21.78 -9.14
C ALA B 124 -11.07 -20.53 -9.73
N GLN B 125 -12.22 -20.15 -9.20
CA GLN B 125 -12.95 -18.99 -9.67
C GLN B 125 -12.17 -17.67 -9.50
N ASN B 126 -11.63 -17.46 -8.31
CA ASN B 126 -10.80 -16.29 -8.13
C ASN B 126 -9.48 -16.36 -8.92
N LEU B 127 -8.74 -17.47 -8.82
CA LEU B 127 -7.46 -17.62 -9.53
C LEU B 127 -7.64 -17.06 -10.90
N LEU B 128 -8.79 -17.35 -11.49
CA LEU B 128 -9.05 -16.89 -12.85
C LEU B 128 -9.16 -15.36 -13.01
N ALA B 129 -9.75 -14.70 -12.02
CA ALA B 129 -9.83 -13.23 -11.96
C ALA B 129 -8.43 -12.68 -11.62
N CYS B 130 -7.79 -13.31 -10.63
CA CYS B 130 -6.42 -13.00 -10.21
C CYS B 130 -5.43 -13.05 -11.37
N GLY B 131 -5.86 -13.65 -12.48
CA GLY B 131 -5.01 -13.74 -13.67
C GLY B 131 -5.37 -12.69 -14.69
N VAL B 132 -6.61 -12.19 -14.61
CA VAL B 132 -7.06 -11.10 -15.49
C VAL B 132 -6.40 -9.85 -14.90
N ALA B 133 -6.36 -9.71 -13.59
CA ALA B 133 -5.80 -8.48 -13.06
C ALA B 133 -4.39 -8.31 -13.60
N LEU B 134 -3.66 -9.42 -13.70
CA LEU B 134 -2.30 -9.43 -14.24
C LEU B 134 -2.09 -9.07 -15.73
N GLY B 135 -2.97 -9.53 -16.61
CA GLY B 135 -2.72 -9.44 -18.04
C GLY B 135 -2.42 -10.83 -18.61
N ALA B 136 -2.33 -11.79 -17.68
CA ALA B 136 -2.17 -13.23 -17.97
C ALA B 136 -3.38 -13.71 -18.81
N LEU B 137 -4.56 -13.67 -18.20
CA LEU B 137 -5.78 -14.04 -18.90
C LEU B 137 -6.45 -12.79 -19.46
N ARG B 138 -6.95 -12.88 -20.70
CA ARG B 138 -7.68 -11.73 -21.23
C ARG B 138 -9.05 -11.61 -20.52
N SER B 139 -9.55 -10.36 -20.45
CA SER B 139 -10.78 -10.02 -19.71
C SER B 139 -11.94 -10.94 -20.02
N ASN B 140 -12.09 -11.29 -21.29
CA ASN B 140 -13.16 -12.19 -21.70
C ASN B 140 -12.64 -13.59 -22.04
N TYR B 141 -11.80 -14.15 -21.18
CA TYR B 141 -11.30 -15.49 -21.44
C TYR B 141 -12.45 -16.52 -21.59
N GLU B 142 -12.24 -17.57 -22.39
CA GLU B 142 -13.24 -18.62 -22.48
C GLU B 142 -12.73 -19.86 -21.75
N VAL B 143 -13.60 -20.46 -20.91
CA VAL B 143 -13.27 -21.68 -20.17
C VAL B 143 -13.77 -22.89 -20.97
N LYS B 144 -12.94 -23.91 -21.04
CA LYS B 144 -13.27 -25.11 -21.77
C LYS B 144 -13.04 -26.24 -20.81
N GLY B 145 -13.86 -27.29 -20.90
CA GLY B 145 -13.58 -28.50 -20.15
C GLY B 145 -12.58 -29.37 -20.95
N HIS B 146 -11.64 -30.03 -20.27
CA HIS B 146 -10.70 -30.93 -20.95
C HIS B 146 -11.40 -31.72 -22.10
N ARG B 147 -12.48 -32.43 -21.79
CA ARG B 147 -13.19 -33.24 -22.80
C ARG B 147 -13.72 -32.44 -24.01
N ASP B 148 -13.68 -31.11 -23.94
CA ASP B 148 -14.12 -30.27 -25.07
C ASP B 148 -12.98 -30.05 -26.04
N VAL B 149 -11.75 -30.23 -25.60
CA VAL B 149 -10.62 -30.00 -26.51
C VAL B 149 -9.78 -31.25 -26.79
N GLN B 150 -10.08 -32.35 -26.11
CA GLN B 150 -9.34 -33.62 -26.20
C GLN B 150 -10.28 -34.82 -25.95
N PRO B 151 -9.86 -36.05 -26.33
CA PRO B 151 -10.73 -37.22 -26.11
C PRO B 151 -10.42 -37.75 -24.71
N THR B 152 -11.27 -37.41 -23.76
CA THR B 152 -11.00 -37.81 -22.40
C THR B 152 -12.24 -37.64 -21.59
N LEU B 153 -12.34 -38.35 -20.47
CA LEU B 153 -13.52 -38.17 -19.62
C LEU B 153 -13.30 -36.95 -18.70
N SER B 154 -12.03 -36.51 -18.59
CA SER B 154 -11.64 -35.33 -17.81
C SER B 154 -12.48 -34.14 -18.31
N PRO B 155 -13.05 -33.38 -17.37
CA PRO B 155 -12.73 -33.50 -15.95
C PRO B 155 -13.84 -34.10 -15.09
N GLY B 156 -14.36 -35.23 -15.52
CA GLY B 156 -15.33 -35.99 -14.73
C GLY B 156 -16.73 -35.43 -14.98
N ASP B 157 -17.74 -36.30 -15.06
CA ASP B 157 -19.09 -35.88 -15.46
C ASP B 157 -19.55 -34.74 -14.58
N ARG B 158 -19.58 -34.97 -13.28
CA ARG B 158 -20.06 -33.99 -12.31
C ARG B 158 -19.32 -32.66 -12.38
N LEU B 159 -18.02 -32.68 -12.54
CA LEU B 159 -17.28 -31.46 -12.54
C LEU B 159 -17.59 -30.69 -13.76
N TYR B 160 -17.72 -31.42 -14.85
CA TYR B 160 -17.97 -30.84 -16.15
C TYR B 160 -19.32 -30.11 -16.21
N GLU B 161 -20.31 -30.69 -15.57
CA GLU B 161 -21.63 -30.11 -15.64
C GLU B 161 -21.70 -28.85 -14.82
N ILE B 162 -20.90 -28.76 -13.76
CA ILE B 162 -20.84 -27.52 -13.00
C ILE B 162 -20.16 -26.49 -13.90
N ILE B 163 -18.99 -26.85 -14.45
CA ILE B 163 -18.23 -25.94 -15.34
C ILE B 163 -19.09 -25.33 -16.42
N GLN B 164 -20.05 -26.11 -16.91
CA GLN B 164 -20.93 -25.68 -18.00
C GLN B 164 -21.79 -24.47 -17.65
N THR B 165 -21.91 -24.20 -16.35
CA THR B 165 -22.77 -23.17 -15.80
C THR B 165 -22.04 -21.92 -15.38
N TRP B 166 -20.73 -21.87 -15.62
CA TRP B 166 -19.93 -20.67 -15.32
C TRP B 166 -20.11 -19.66 -16.46
N SER B 167 -20.00 -18.37 -16.16
CA SER B 167 -20.29 -17.34 -17.17
C SER B 167 -19.32 -17.29 -18.32
N HIS B 168 -18.09 -17.67 -18.05
CA HIS B 168 -17.05 -17.65 -19.07
C HIS B 168 -16.92 -18.98 -19.86
N TYR B 169 -17.80 -19.95 -19.60
CA TYR B 169 -17.72 -21.23 -20.32
C TYR B 169 -18.23 -21.14 -21.75
N ARG B 170 -17.44 -21.64 -22.71
CA ARG B 170 -17.82 -21.72 -24.12
C ARG B 170 -17.64 -23.15 -24.64
N ALA B 171 -18.76 -23.87 -24.83
CA ALA B 171 -18.71 -25.23 -25.40
C ALA B 171 -17.95 -25.35 -26.75
N GLU C 1 -5.09 22.51 38.93
CA GLU C 1 -6.47 22.83 38.60
C GLU C 1 -6.62 24.31 38.21
N ASP C 2 -5.50 25.03 38.23
CA ASP C 2 -5.49 26.46 37.87
C ASP C 2 -5.70 26.86 36.42
N PRO C 3 -6.02 28.12 36.19
CA PRO C 3 -6.62 28.63 34.95
C PRO C 3 -5.71 29.69 34.42
N PRO C 4 -5.12 29.38 33.26
CA PRO C 4 -4.33 30.30 32.46
C PRO C 4 -4.72 30.04 31.02
N ALA C 5 -5.96 30.34 30.67
CA ALA C 5 -6.45 30.05 29.33
C ALA C 5 -5.99 30.88 28.15
N CYS C 6 -5.31 30.23 27.20
CA CYS C 6 -4.54 30.96 26.17
C CYS C 6 -5.06 30.75 24.74
N GLY C 7 -6.28 30.22 24.67
CA GLY C 7 -6.91 29.97 23.43
C GLY C 7 -7.72 31.09 22.77
N SER C 8 -6.98 31.96 22.07
CA SER C 8 -7.60 32.83 21.06
C SER C 8 -7.36 32.04 19.71
N ILE C 9 -7.71 30.76 19.76
CA ILE C 9 -7.55 29.84 18.66
C ILE C 9 -8.93 29.49 18.11
N VAL C 10 -9.12 29.66 16.80
CA VAL C 10 -10.35 29.24 16.16
C VAL C 10 -10.47 27.71 16.24
N PRO C 11 -11.52 27.19 16.92
CA PRO C 11 -11.72 25.74 17.04
C PRO C 11 -12.07 25.11 15.71
N ARG C 12 -11.76 23.83 15.53
CA ARG C 12 -12.11 23.19 14.27
C ARG C 12 -13.56 23.50 13.85
N ARG C 13 -14.52 23.17 14.73
CA ARG C 13 -15.94 23.37 14.43
C ARG C 13 -16.21 24.68 13.74
N GLU C 14 -15.49 25.73 14.16
CA GLU C 14 -15.73 27.10 13.67
C GLU C 14 -15.21 27.43 12.28
N TRP C 15 -14.22 26.69 11.79
CA TRP C 15 -13.77 26.89 10.41
C TRP C 15 -14.27 25.72 9.62
N ARG C 16 -15.25 25.04 10.21
CA ARG C 16 -16.06 24.03 9.57
C ARG C 16 -15.19 22.95 9.02
N ALA C 17 -14.23 22.57 9.87
CA ALA C 17 -13.33 21.52 9.52
C ALA C 17 -14.16 20.29 9.37
N LEU C 18 -13.71 19.43 8.46
CA LEU C 18 -14.23 18.06 8.33
C LEU C 18 -13.64 17.37 9.56
N ALA C 19 -14.22 16.24 9.91
CA ALA C 19 -13.86 15.52 11.12
C ALA C 19 -12.63 14.66 10.96
N SER C 20 -11.73 14.76 11.95
CA SER C 20 -10.46 14.06 11.86
C SER C 20 -10.59 12.62 12.10
N GLU C 21 -9.82 11.85 11.36
CA GLU C 21 -9.79 10.41 11.52
C GLU C 21 -8.44 9.99 12.13
N CYS C 22 -7.63 10.99 12.50
CA CYS C 22 -6.29 10.74 13.06
C CYS C 22 -6.20 10.35 14.53
N ARG C 23 -5.45 9.29 14.84
CA ARG C 23 -5.51 8.74 16.17
C ARG C 23 -4.18 8.79 16.91
N GLU C 24 -3.10 9.01 16.19
CA GLU C 24 -1.75 8.99 16.78
C GLU C 24 -1.48 10.12 17.76
N ARG C 25 -1.04 9.79 18.97
CA ARG C 25 -0.78 10.83 19.93
C ARG C 25 0.68 11.31 20.06
N LEU C 26 0.84 12.63 20.15
CA LEU C 26 2.14 13.22 20.52
C LEU C 26 2.23 13.05 22.05
N THR C 27 3.43 12.98 22.60
CA THR C 27 3.51 12.84 24.04
C THR C 27 4.01 14.15 24.64
N ARG C 28 3.28 14.68 25.64
CA ARG C 28 3.70 15.95 26.20
C ARG C 28 4.70 15.88 27.38
N PRO C 29 5.58 16.90 27.47
CA PRO C 29 5.68 18.07 26.58
C PRO C 29 6.54 17.92 25.32
N VAL C 30 6.10 18.53 24.23
CA VAL C 30 6.77 18.38 22.95
C VAL C 30 7.93 19.33 22.80
N ARG C 31 9.07 18.78 22.37
CA ARG C 31 10.30 19.56 22.31
C ARG C 31 10.50 20.43 21.11
N TYR C 32 9.96 20.03 19.98
CA TYR C 32 10.18 20.75 18.73
C TYR C 32 8.95 21.37 18.12
N VAL C 33 9.15 22.53 17.48
CA VAL C 33 8.11 23.18 16.67
C VAL C 33 8.68 23.33 15.21
N VAL C 34 7.99 22.85 14.19
CA VAL C 34 8.47 22.99 12.81
C VAL C 34 7.53 23.98 12.11
N VAL C 35 8.12 25.02 11.56
CA VAL C 35 7.38 26.08 10.90
C VAL C 35 7.43 25.90 9.40
N SER C 36 6.26 25.67 8.82
CA SER C 36 6.12 25.55 7.36
C SER C 36 5.22 26.67 6.85
N HIS C 37 5.08 26.76 5.55
CA HIS C 37 3.95 27.41 4.94
C HIS C 37 3.20 26.45 4.10
N THR C 38 2.01 26.87 3.78
CA THR C 38 1.16 26.14 2.86
C THR C 38 1.61 26.38 1.39
N ALA C 39 2.35 27.46 1.13
CA ALA C 39 2.66 27.92 -0.23
C ALA C 39 1.34 28.04 -1.04
N GLY C 40 0.24 28.35 -0.34
CA GLY C 40 -1.06 28.51 -0.98
C GLY C 40 -1.47 29.94 -0.76
N SER C 41 -2.61 30.36 -1.30
CA SER C 41 -2.95 31.75 -1.16
C SER C 41 -3.07 32.02 0.33
N HIS C 42 -2.85 33.28 0.67
CA HIS C 42 -3.05 33.77 2.01
C HIS C 42 -4.38 34.58 2.00
N CYS C 43 -4.83 34.88 3.21
CA CYS C 43 -6.19 35.19 3.56
C CYS C 43 -5.96 36.15 4.71
N ASP C 44 -6.61 37.30 4.64
CA ASP C 44 -6.51 38.27 5.71
C ASP C 44 -7.83 38.64 6.42
N THR C 45 -8.74 37.68 6.48
CA THR C 45 -10.00 37.89 7.20
C THR C 45 -10.44 36.63 7.86
N PRO C 46 -11.22 36.78 8.93
CA PRO C 46 -11.69 35.57 9.60
C PRO C 46 -12.54 34.74 8.61
N ALA C 47 -13.25 35.40 7.70
CA ALA C 47 -14.02 34.62 6.74
C ALA C 47 -13.12 33.92 5.70
N SER C 48 -12.18 34.63 5.05
CA SER C 48 -11.32 33.95 4.06
C SER C 48 -10.48 32.85 4.73
N CYS C 49 -9.73 33.22 5.78
CA CYS C 49 -8.95 32.21 6.50
C CYS C 49 -9.75 30.96 6.90
N ALA C 50 -10.98 31.12 7.38
CA ALA C 50 -11.74 29.91 7.74
C ALA C 50 -11.88 29.03 6.48
N GLN C 51 -12.29 29.66 5.37
CA GLN C 51 -12.33 29.00 4.06
C GLN C 51 -10.94 28.41 3.68
N GLN C 52 -9.90 29.22 3.70
CA GLN C 52 -8.56 28.74 3.36
C GLN C 52 -8.27 27.47 4.15
N ALA C 53 -8.50 27.52 5.45
CA ALA C 53 -8.26 26.34 6.28
C ALA C 53 -9.03 25.10 5.77
N GLN C 54 -10.29 25.27 5.35
CA GLN C 54 -11.05 24.15 4.77
C GLN C 54 -10.39 23.74 3.46
N ASN C 55 -9.98 24.69 2.62
CA ASN C 55 -9.26 24.37 1.36
C ASN C 55 -7.97 23.55 1.61
N VAL C 56 -7.11 24.02 2.52
CA VAL C 56 -5.90 23.26 2.87
C VAL C 56 -6.31 21.86 3.32
N GLN C 57 -7.31 21.76 4.20
CA GLN C 57 -7.77 20.46 4.69
C GLN C 57 -8.38 19.58 3.57
N SER C 58 -9.06 20.23 2.61
CA SER C 58 -9.66 19.50 1.49
C SER C 58 -8.53 18.82 0.68
N TYR C 59 -7.41 19.52 0.51
CA TYR C 59 -6.26 18.94 -0.20
C TYR C 59 -5.69 17.70 0.53
N HIS C 60 -5.41 17.82 1.82
CA HIS C 60 -4.80 16.73 2.58
C HIS C 60 -5.75 15.58 2.76
N VAL C 61 -7.02 15.93 2.98
CA VAL C 61 -7.99 14.89 3.16
C VAL C 61 -8.60 14.23 1.89
N ARG C 62 -9.19 15.03 0.99
CA ARG C 62 -9.89 14.49 -0.21
C ARG C 62 -8.92 13.93 -1.22
N ASN C 63 -8.00 14.78 -1.63
CA ASN C 63 -6.98 14.48 -2.61
C ASN C 63 -5.98 13.47 -2.13
N LEU C 64 -5.16 13.89 -1.16
CA LEU C 64 -4.11 13.07 -0.60
C LEU C 64 -4.59 11.96 0.29
N GLY C 65 -5.85 12.01 0.72
CA GLY C 65 -6.41 10.92 1.51
C GLY C 65 -5.98 10.75 2.95
N TRP C 66 -5.52 11.84 3.54
CA TRP C 66 -5.06 11.86 4.93
C TRP C 66 -6.14 12.00 6.02
N CYS C 67 -5.80 11.58 7.24
CA CYS C 67 -6.78 11.53 8.31
C CYS C 67 -7.35 12.87 8.74
N ASP C 68 -6.70 13.94 8.28
CA ASP C 68 -7.00 15.32 8.66
C ASP C 68 -6.03 16.16 7.89
N VAL C 69 -6.15 17.47 8.08
CA VAL C 69 -5.13 18.41 7.66
C VAL C 69 -3.86 17.99 8.40
N GLY C 70 -2.73 18.17 7.73
CA GLY C 70 -1.49 17.67 8.26
C GLY C 70 -0.92 18.46 9.41
N TYR C 71 -1.15 19.76 9.45
CA TYR C 71 -0.58 20.60 10.52
C TYR C 71 -1.30 20.53 11.85
N ASN C 72 -0.61 20.91 12.93
CA ASN C 72 -1.23 20.93 14.26
C ASN C 72 -1.99 22.22 14.41
N PHE C 73 -1.44 23.28 13.82
CA PHE C 73 -2.13 24.54 13.77
C PHE C 73 -1.76 25.21 12.47
N LEU C 74 -2.69 26.05 12.02
CA LEU C 74 -2.46 26.94 10.88
C LEU C 74 -2.57 28.37 11.38
N ILE C 75 -1.93 29.29 10.65
CA ILE C 75 -1.82 30.71 11.04
C ILE C 75 -2.26 31.61 9.89
N GLY C 76 -3.04 32.63 10.24
CA GLY C 76 -3.59 33.43 9.19
C GLY C 76 -3.06 34.81 9.22
N GLU C 77 -3.17 35.45 8.10
CA GLU C 77 -2.80 36.80 7.98
C GLU C 77 -3.85 37.71 8.62
N ASP C 78 -4.98 37.15 8.98
CA ASP C 78 -5.98 37.85 9.78
C ASP C 78 -5.52 38.00 11.25
N GLY C 79 -4.40 37.39 11.61
CA GLY C 79 -3.92 37.52 12.97
C GLY C 79 -4.42 36.47 13.95
N LEU C 80 -5.14 35.47 13.42
CA LEU C 80 -5.73 34.34 14.17
C LEU C 80 -5.10 32.97 13.86
N VAL C 81 -5.26 32.05 14.80
CA VAL C 81 -4.73 30.69 14.74
C VAL C 81 -5.87 29.71 14.57
N TYR C 82 -5.73 28.82 13.59
CA TYR C 82 -6.75 27.84 13.28
C TYR C 82 -6.31 26.50 13.81
N GLU C 83 -7.22 25.85 14.52
CA GLU C 83 -6.91 24.59 15.13
C GLU C 83 -6.82 23.55 14.03
N GLY C 84 -5.63 22.99 13.86
CA GLY C 84 -5.50 21.84 12.96
C GLY C 84 -5.63 20.60 13.86
N ARG C 85 -4.69 19.66 13.78
CA ARG C 85 -4.75 18.54 14.71
C ARG C 85 -4.46 18.94 16.20
N GLY C 86 -4.14 20.19 16.50
CA GLY C 86 -4.01 20.53 17.92
C GLY C 86 -2.78 20.00 18.63
N TRP C 87 -2.80 20.05 19.95
CA TRP C 87 -1.58 19.80 20.73
C TRP C 87 -1.26 18.40 20.94
N ASN C 88 -2.26 17.56 20.77
CA ASN C 88 -2.12 16.19 21.24
C ASN C 88 -2.02 15.11 20.19
N ILE C 89 -2.24 15.50 18.92
CA ILE C 89 -2.23 14.51 17.85
C ILE C 89 -1.08 14.70 16.89
N LYS C 90 -0.37 13.63 16.58
CA LYS C 90 0.73 13.71 15.62
C LYS C 90 0.32 14.32 14.27
N GLY C 91 1.00 15.39 13.84
CA GLY C 91 0.72 15.96 12.54
C GLY C 91 1.53 15.26 11.44
N ALA C 92 1.23 15.61 10.19
CA ALA C 92 1.93 15.02 9.04
C ALA C 92 2.79 15.75 8.06
N HIS C 93 3.51 16.75 8.57
CA HIS C 93 4.00 18.00 8.03
C HIS C 93 5.46 17.74 7.62
N ALA C 94 6.27 17.09 8.46
CA ALA C 94 7.74 17.17 8.45
C ALA C 94 8.49 15.84 8.34
N GLY C 95 7.76 14.80 7.98
CA GLY C 95 8.39 13.50 7.82
C GLY C 95 8.31 12.57 9.02
N PRO C 96 8.68 11.28 8.82
CA PRO C 96 8.66 10.26 9.89
C PRO C 96 9.53 10.39 11.09
N THR C 97 10.53 11.24 11.00
CA THR C 97 11.45 11.42 12.13
C THR C 97 10.94 12.55 13.01
N TRP C 98 10.52 13.65 12.38
CA TRP C 98 10.06 14.84 13.10
C TRP C 98 8.58 14.90 13.46
N ASN C 99 7.74 14.23 12.68
CA ASN C 99 6.30 14.21 12.95
C ASN C 99 5.95 13.75 14.36
N PRO C 100 6.53 12.63 14.84
CA PRO C 100 6.22 12.17 16.20
C PRO C 100 6.62 13.11 17.33
N ILE C 101 7.61 13.99 17.10
CA ILE C 101 8.28 14.73 18.19
C ILE C 101 8.18 16.23 18.10
N SER C 102 7.28 16.72 17.27
CA SER C 102 7.18 18.15 17.08
C SER C 102 5.73 18.53 16.89
N ILE C 103 5.47 19.84 16.96
CA ILE C 103 4.20 20.41 16.56
C ILE C 103 4.52 21.16 15.22
N GLY C 104 3.68 20.95 14.19
CA GLY C 104 3.85 21.69 12.95
C GLY C 104 2.84 22.82 12.83
N ILE C 105 3.37 24.03 12.67
CA ILE C 105 2.51 25.17 12.50
C ILE C 105 2.80 25.72 11.12
N SER C 106 1.75 25.94 10.33
CA SER C 106 1.93 26.43 8.99
C SER C 106 1.33 27.80 8.72
N PHE C 107 2.11 28.72 8.17
CA PHE C 107 1.54 30.02 7.79
C PHE C 107 0.77 29.90 6.45
N MET C 108 -0.47 30.40 6.43
CA MET C 108 -1.32 30.28 5.24
C MET C 108 -0.94 31.35 4.26
N GLY C 109 -0.15 30.94 3.27
CA GLY C 109 0.38 31.84 2.26
C GLY C 109 1.68 31.28 1.67
N ASN C 110 2.34 32.12 0.87
CA ASN C 110 3.61 31.76 0.24
C ASN C 110 4.52 32.94 0.52
N TYR C 111 5.50 32.65 1.36
CA TYR C 111 6.31 33.70 1.88
C TYR C 111 7.66 33.69 1.24
N MET C 112 7.70 33.13 0.02
CA MET C 112 8.94 33.19 -0.74
C MET C 112 9.32 34.68 -0.85
N ASN C 113 8.40 35.56 -1.26
CA ASN C 113 8.68 36.99 -1.54
C ASN C 113 7.89 38.10 -0.79
N ARG C 114 7.24 37.72 0.29
CA ARG C 114 6.67 38.69 1.21
C ARG C 114 6.81 38.17 2.63
N VAL C 115 6.83 39.10 3.57
CA VAL C 115 6.84 38.74 4.95
C VAL C 115 5.43 38.59 5.46
N PRO C 116 5.19 37.65 6.37
CA PRO C 116 3.85 37.49 6.95
C PRO C 116 3.57 38.65 7.89
N PRO C 117 2.40 39.27 7.82
CA PRO C 117 2.19 40.49 8.64
C PRO C 117 2.52 40.35 10.10
N PRO C 118 2.90 41.45 10.76
CA PRO C 118 3.23 41.38 12.18
C PRO C 118 2.24 40.60 13.05
N ARG C 119 0.95 40.67 12.69
CA ARG C 119 -0.08 40.08 13.53
C ARG C 119 -0.10 38.60 13.37
N ALA C 120 0.26 38.15 12.17
CA ALA C 120 0.35 36.73 11.89
C ALA C 120 1.53 36.18 12.70
N LEU C 121 2.58 36.99 12.80
CA LEU C 121 3.77 36.63 13.56
C LEU C 121 3.44 36.67 15.04
N ARG C 122 2.74 37.71 15.50
CA ARG C 122 2.33 37.75 16.91
C ARG C 122 1.44 36.53 17.23
N ALA C 123 0.59 36.12 16.30
CA ALA C 123 -0.28 34.97 16.57
C ALA C 123 0.51 33.69 16.84
N ALA C 124 1.51 33.45 15.98
CA ALA C 124 2.36 32.27 16.08
C ALA C 124 3.14 32.32 17.37
N GLN C 125 3.77 33.46 17.66
CA GLN C 125 4.56 33.58 18.90
C GLN C 125 3.69 33.27 20.10
N ASN C 126 2.57 33.95 20.15
CA ASN C 126 1.65 33.84 21.27
C ASN C 126 1.03 32.46 21.27
N LEU C 127 0.85 31.85 20.11
CA LEU C 127 0.41 30.45 20.07
C LEU C 127 1.44 29.59 20.81
N LEU C 128 2.72 29.91 20.66
CA LEU C 128 3.81 29.09 21.25
C LEU C 128 3.93 29.29 22.75
N ALA C 129 3.78 30.54 23.17
CA ALA C 129 3.79 30.85 24.59
C ALA C 129 2.61 30.10 25.22
N CYS C 130 1.46 30.09 24.54
CA CYS C 130 0.29 29.37 25.03
C CYS C 130 0.62 27.87 25.24
N GLY C 131 1.24 27.21 24.27
CA GLY C 131 1.59 25.80 24.45
C GLY C 131 2.49 25.52 25.64
N VAL C 132 3.41 26.46 25.90
CA VAL C 132 4.29 26.35 27.06
C VAL C 132 3.47 26.43 28.37
N ALA C 133 2.59 27.43 28.50
CA ALA C 133 1.79 27.58 29.71
C ALA C 133 0.94 26.35 29.93
N LEU C 134 0.52 25.70 28.84
CA LEU C 134 -0.34 24.53 28.93
C LEU C 134 0.43 23.26 29.33
N GLY C 135 1.75 23.35 29.18
CA GLY C 135 2.58 22.18 29.32
C GLY C 135 2.57 21.39 27.98
N ALA C 136 2.08 21.99 26.89
CA ALA C 136 2.04 21.26 25.62
C ALA C 136 3.44 21.18 25.00
N LEU C 137 4.16 22.30 25.18
CA LEU C 137 5.50 22.49 24.67
C LEU C 137 6.46 22.63 25.82
N ARG C 138 7.68 22.12 25.65
CA ARG C 138 8.67 22.30 26.70
C ARG C 138 9.01 23.78 26.74
N SER C 139 9.23 24.29 27.94
CA SER C 139 9.61 25.70 28.10
C SER C 139 10.80 26.07 27.19
N ASN C 140 11.74 25.14 26.98
CA ASN C 140 12.88 25.37 26.07
C ASN C 140 12.67 24.72 24.68
N TYR C 141 11.44 24.67 24.20
CA TYR C 141 11.19 24.14 22.88
C TYR C 141 12.11 24.76 21.81
N GLU C 142 12.32 24.00 20.73
CA GLU C 142 13.16 24.45 19.64
C GLU C 142 12.37 24.66 18.36
N VAL C 143 12.58 25.80 17.71
CA VAL C 143 11.90 26.08 16.46
C VAL C 143 12.78 25.70 15.27
N LYS C 144 12.21 24.98 14.31
CA LYS C 144 12.97 24.68 13.11
C LYS C 144 12.18 25.10 11.87
N GLY C 145 12.92 25.54 10.86
CA GLY C 145 12.29 25.76 9.58
C GLY C 145 11.95 24.40 8.94
N HIS C 146 10.91 24.40 8.12
CA HIS C 146 10.58 23.17 7.43
C HIS C 146 11.80 22.71 6.57
N ARG C 147 12.46 23.66 5.94
CA ARG C 147 13.55 23.34 5.05
C ARG C 147 14.78 22.80 5.80
N ASP C 148 14.81 22.94 7.13
CA ASP C 148 15.92 22.46 7.97
C ASP C 148 15.80 20.98 8.26
N VAL C 149 14.63 20.41 7.98
CA VAL C 149 14.43 19.00 8.29
C VAL C 149 13.93 18.15 7.16
N GLN C 150 13.59 18.82 6.07
CA GLN C 150 13.02 18.22 4.88
C GLN C 150 13.39 19.14 3.74
N PRO C 151 13.66 18.57 2.55
CA PRO C 151 14.03 19.36 1.36
C PRO C 151 12.83 20.01 0.75
N THR C 152 12.77 21.33 0.85
CA THR C 152 11.62 22.09 0.43
C THR C 152 12.03 23.54 0.60
N LEU C 153 11.30 24.46 -0.02
CA LEU C 153 11.57 25.89 0.13
C LEU C 153 10.87 26.45 1.38
N SER C 154 9.84 25.72 1.80
CA SER C 154 9.03 25.99 2.99
C SER C 154 10.01 26.30 4.16
N PRO C 155 9.68 27.36 4.96
CA PRO C 155 8.49 28.22 4.99
C PRO C 155 8.54 29.44 4.10
N GLY C 156 9.30 29.41 3.02
CA GLY C 156 9.47 30.60 2.20
C GLY C 156 10.63 31.38 2.79
N ASP C 157 11.45 32.01 1.93
CA ASP C 157 12.68 32.73 2.33
C ASP C 157 12.51 33.88 3.32
N ARG C 158 11.52 34.75 3.04
CA ARG C 158 11.31 35.91 3.91
C ARG C 158 10.88 35.52 5.31
N LEU C 159 9.98 34.55 5.40
CA LEU C 159 9.54 34.01 6.68
C LEU C 159 10.66 33.16 7.30
N TYR C 160 11.39 32.40 6.48
CA TYR C 160 12.51 31.62 7.00
C TYR C 160 13.53 32.56 7.64
N GLU C 161 13.84 33.69 7.01
CA GLU C 161 14.81 34.64 7.58
C GLU C 161 14.36 35.15 8.93
N ILE C 162 13.06 35.40 9.06
CA ILE C 162 12.52 35.91 10.29
C ILE C 162 12.63 34.88 11.39
N ILE C 163 12.20 33.64 11.15
CA ILE C 163 12.25 32.67 12.24
C ILE C 163 13.66 32.34 12.67
N GLN C 164 14.62 32.47 11.75
CA GLN C 164 16.04 32.28 12.10
C GLN C 164 16.48 33.20 13.26
N THR C 165 15.85 34.37 13.38
CA THR C 165 16.17 35.30 14.47
C THR C 165 15.45 35.01 15.81
N TRP C 166 14.46 34.11 15.81
CA TRP C 166 13.66 33.86 17.01
C TRP C 166 14.42 33.30 18.18
N SER C 167 13.96 33.60 19.38
CA SER C 167 14.65 33.16 20.55
C SER C 167 14.88 31.66 20.60
N HIS C 168 13.83 30.91 20.30
CA HIS C 168 13.86 29.46 20.41
C HIS C 168 14.32 28.77 19.12
N TYR C 169 14.72 29.54 18.10
CA TYR C 169 15.19 28.96 16.85
C TYR C 169 16.48 28.21 17.09
N ARG C 170 16.58 27.03 16.48
CA ARG C 170 17.73 26.15 16.63
C ARG C 170 18.15 25.53 15.29
N ALA C 171 19.24 26.05 14.75
CA ALA C 171 19.86 25.60 13.49
C ALA C 171 19.73 24.09 13.26
N GLU D 1 14.86 -5.85 -27.77
CA GLU D 1 15.22 -7.20 -28.21
C GLU D 1 16.45 -7.71 -27.48
N ASP D 2 17.55 -6.98 -27.58
CA ASP D 2 18.79 -7.36 -26.93
C ASP D 2 18.70 -7.24 -25.41
N PRO D 3 19.72 -7.71 -24.71
CA PRO D 3 19.71 -7.78 -23.27
C PRO D 3 19.71 -6.44 -22.53
N PRO D 4 20.50 -5.49 -23.00
CA PRO D 4 20.51 -4.14 -22.45
C PRO D 4 20.51 -3.17 -23.61
N ALA D 5 19.37 -2.55 -23.86
CA ALA D 5 19.25 -1.61 -24.96
C ALA D 5 18.99 -0.20 -24.47
N CYS D 6 19.13 0.04 -23.17
CA CYS D 6 18.73 1.35 -22.69
C CYS D 6 19.62 2.42 -22.05
N GLY D 7 19.30 3.67 -22.43
CA GLY D 7 19.69 4.86 -21.67
C GLY D 7 21.05 5.26 -21.22
N SER D 8 21.30 6.56 -21.33
CA SER D 8 22.59 7.19 -21.00
C SER D 8 22.49 7.95 -19.68
N ILE D 9 23.15 7.41 -18.67
CA ILE D 9 23.03 8.01 -17.37
C ILE D 9 24.39 8.37 -16.89
N VAL D 10 24.51 9.59 -16.37
CA VAL D 10 25.73 10.11 -15.75
C VAL D 10 25.76 9.43 -14.38
N PRO D 11 26.75 8.54 -14.18
CA PRO D 11 26.98 7.79 -12.94
C PRO D 11 27.42 8.68 -11.81
N ARG D 12 27.27 8.17 -10.59
CA ARG D 12 27.51 8.93 -9.34
C ARG D 12 28.89 9.52 -9.33
N ARG D 13 29.86 8.64 -9.48
CA ARG D 13 31.26 9.04 -9.48
C ARG D 13 31.54 10.11 -10.52
N GLU D 14 30.79 10.14 -11.63
CA GLU D 14 31.02 11.17 -12.65
C GLU D 14 30.49 12.55 -12.26
N TRP D 15 29.42 12.62 -11.49
CA TRP D 15 28.99 13.97 -11.09
C TRP D 15 29.40 14.12 -9.65
N ARG D 16 30.37 13.33 -9.27
CA ARG D 16 31.25 13.43 -8.12
C ARG D 16 30.38 13.57 -6.89
N ALA D 17 29.44 12.67 -6.72
CA ALA D 17 28.67 12.36 -5.52
C ALA D 17 29.50 11.88 -4.34
N LEU D 18 28.98 12.09 -3.15
CA LEU D 18 29.59 11.50 -1.97
C LEU D 18 29.13 10.05 -1.98
N ALA D 19 29.84 9.15 -1.33
CA ALA D 19 29.38 7.76 -1.29
C ALA D 19 28.05 7.61 -0.57
N SER D 20 27.14 6.86 -1.15
CA SER D 20 25.86 6.60 -0.56
C SER D 20 26.00 5.69 0.70
N GLU D 21 25.17 5.96 1.66
CA GLU D 21 25.18 5.17 2.88
C GLU D 21 23.82 4.49 3.06
N CYS D 22 23.01 4.53 2.00
CA CYS D 22 21.68 3.95 2.10
C CYS D 22 21.51 2.54 1.62
N ARG D 23 20.94 1.70 2.47
CA ARG D 23 20.97 0.30 2.18
C ARG D 23 19.60 -0.31 2.02
N GLU D 24 18.53 0.42 2.37
CA GLU D 24 17.16 -0.11 2.18
C GLU D 24 16.74 -0.14 0.69
N ARG D 25 16.36 -1.35 0.27
CA ARG D 25 16.10 -1.63 -1.12
C ARG D 25 14.67 -1.58 -1.52
N LEU D 26 14.45 -1.35 -2.81
CA LEU D 26 13.12 -1.40 -3.36
C LEU D 26 12.87 -2.84 -3.83
N THR D 27 11.63 -3.14 -4.18
CA THR D 27 11.35 -4.46 -4.72
C THR D 27 10.97 -4.32 -6.18
N ARG D 28 11.86 -4.77 -7.07
CA ARG D 28 11.53 -4.72 -8.49
C ARG D 28 10.58 -5.88 -8.80
N PRO D 29 9.65 -5.69 -9.75
CA PRO D 29 9.51 -4.46 -10.51
C PRO D 29 8.64 -3.46 -9.76
N VAL D 30 9.11 -2.21 -9.70
CA VAL D 30 8.46 -1.09 -8.99
C VAL D 30 7.29 -0.62 -9.84
N ARG D 31 6.16 -0.32 -9.19
CA ARG D 31 4.96 0.07 -9.91
C ARG D 31 4.81 1.57 -10.09
N TYR D 32 5.41 2.35 -9.18
CA TYR D 32 5.21 3.81 -9.19
C TYR D 32 6.40 4.74 -9.43
N VAL D 33 6.14 5.85 -10.11
CA VAL D 33 7.15 6.84 -10.35
C VAL D 33 6.54 8.16 -9.98
N VAL D 34 7.25 8.90 -9.15
CA VAL D 34 6.79 10.19 -8.69
C VAL D 34 7.70 11.24 -9.27
N VAL D 35 7.14 12.27 -9.86
CA VAL D 35 7.99 13.27 -10.46
C VAL D 35 8.08 14.55 -9.70
N SER D 36 9.24 14.90 -9.16
CA SER D 36 9.37 16.18 -8.48
C SER D 36 10.26 17.17 -9.24
N HIS D 37 10.38 18.38 -8.69
CA HIS D 37 11.39 19.29 -9.17
C HIS D 37 12.23 19.70 -7.91
N THR D 38 13.47 20.17 -8.11
CA THR D 38 14.34 20.57 -7.00
C THR D 38 13.81 21.84 -6.35
N ALA D 39 13.13 22.64 -7.16
CA ALA D 39 12.64 23.97 -6.80
C ALA D 39 13.73 25.05 -6.75
N GLY D 40 14.98 24.61 -6.87
CA GLY D 40 16.11 25.53 -6.89
C GLY D 40 16.41 26.07 -8.29
N SER D 41 17.68 26.36 -8.54
CA SER D 41 18.08 26.86 -9.86
C SER D 41 18.23 25.72 -10.87
N HIS D 42 18.15 26.05 -12.16
CA HIS D 42 18.36 25.08 -13.23
C HIS D 42 19.77 25.23 -13.83
N CYS D 43 20.22 24.17 -14.48
CA CYS D 43 21.54 24.08 -15.09
C CYS D 43 21.38 23.57 -16.51
N ASP D 44 22.28 23.96 -17.41
CA ASP D 44 22.09 23.51 -18.78
C ASP D 44 23.35 23.09 -19.55
N THR D 45 24.31 22.56 -18.82
CA THR D 45 25.56 22.09 -19.36
C THR D 45 25.91 21.01 -18.43
N PRO D 46 26.58 19.98 -18.95
CA PRO D 46 26.98 18.86 -18.10
C PRO D 46 27.90 19.31 -16.98
N ALA D 47 28.59 20.45 -17.13
CA ALA D 47 29.49 20.94 -16.06
C ALA D 47 28.65 21.56 -14.96
N SER D 48 27.70 22.42 -15.34
CA SER D 48 26.86 23.04 -14.33
C SER D 48 25.87 22.02 -13.68
N CYS D 49 25.27 21.15 -14.52
CA CYS D 49 24.41 20.08 -13.96
C CYS D 49 25.12 19.09 -13.03
N ALA D 50 26.37 18.71 -13.32
CA ALA D 50 27.09 17.83 -12.38
C ALA D 50 27.30 18.62 -11.08
N GLN D 51 27.59 19.92 -11.21
CA GLN D 51 27.71 20.82 -10.07
C GLN D 51 26.42 20.84 -9.20
N GLN D 52 25.25 21.00 -9.83
CA GLN D 52 23.94 21.07 -9.15
C GLN D 52 23.62 19.74 -8.47
N ALA D 53 23.81 18.66 -9.19
CA ALA D 53 23.55 17.38 -8.57
C ALA D 53 24.40 17.30 -7.31
N GLN D 54 25.58 17.90 -7.38
CA GLN D 54 26.45 17.88 -6.23
C GLN D 54 25.88 18.75 -5.10
N ASN D 55 25.34 19.92 -5.43
CA ASN D 55 24.69 20.78 -4.41
C ASN D 55 23.48 20.11 -3.67
N VAL D 56 22.50 19.68 -4.47
CA VAL D 56 21.31 18.99 -3.98
C VAL D 56 21.71 17.83 -3.06
N GLN D 57 22.70 17.04 -3.44
CA GLN D 57 23.12 15.98 -2.52
C GLN D 57 23.76 16.49 -1.20
N SER D 58 24.49 17.61 -1.31
CA SER D 58 25.21 18.21 -0.17
C SER D 58 24.15 18.51 0.89
N TYR D 59 23.21 19.38 0.52
CA TYR D 59 21.99 19.67 1.26
C TYR D 59 21.30 18.44 1.85
N HIS D 60 21.05 17.40 1.06
CA HIS D 60 20.32 16.28 1.63
C HIS D 60 21.20 15.53 2.64
N VAL D 61 22.49 15.40 2.30
CA VAL D 61 23.44 14.67 3.14
C VAL D 61 24.08 15.46 4.31
N ARG D 62 24.51 16.68 4.02
CA ARG D 62 25.18 17.49 5.02
C ARG D 62 24.23 18.20 5.95
N ASN D 63 23.32 18.99 5.44
CA ASN D 63 22.33 19.61 6.30
C ASN D 63 21.33 18.64 6.91
N LEU D 64 20.71 17.75 6.11
CA LEU D 64 19.61 16.93 6.65
C LEU D 64 20.07 15.64 7.25
N GLY D 65 21.37 15.38 7.07
CA GLY D 65 21.98 14.17 7.58
C GLY D 65 21.41 12.88 7.00
N TRP D 66 20.93 12.93 5.76
CA TRP D 66 20.44 11.72 5.07
C TRP D 66 21.60 10.87 4.54
N CYS D 67 21.30 9.57 4.36
CA CYS D 67 22.24 8.56 3.87
C CYS D 67 22.78 8.82 2.46
N ASP D 68 21.99 9.45 1.61
CA ASP D 68 22.42 9.79 0.26
C ASP D 68 21.42 10.81 -0.19
N VAL D 69 21.60 11.35 -1.40
CA VAL D 69 20.67 12.29 -1.99
C VAL D 69 19.29 11.62 -1.99
N GLY D 70 18.22 12.40 -1.86
CA GLY D 70 16.92 11.77 -1.67
C GLY D 70 16.35 11.06 -2.88
N TYR D 71 16.58 11.64 -4.05
CA TYR D 71 16.03 11.13 -5.31
C TYR D 71 16.73 9.95 -5.93
N ASN D 72 15.97 9.14 -6.68
CA ASN D 72 16.58 7.99 -7.34
C ASN D 72 17.30 8.48 -8.61
N PHE D 73 16.76 9.45 -9.33
CA PHE D 73 17.45 9.96 -10.50
C PHE D 73 17.13 11.42 -10.56
N LEU D 74 18.02 12.21 -11.15
CA LEU D 74 17.78 13.63 -11.37
C LEU D 74 17.92 13.91 -12.87
N ILE D 75 17.20 14.89 -13.38
CA ILE D 75 17.21 15.19 -14.81
C ILE D 75 17.68 16.61 -15.07
N GLY D 76 18.74 16.80 -15.83
CA GLY D 76 19.20 18.15 -16.09
C GLY D 76 18.63 18.75 -17.35
N GLU D 77 18.62 20.08 -17.44
CA GLU D 77 18.28 20.68 -18.73
C GLU D 77 19.50 20.56 -19.71
N ASP D 78 20.58 19.89 -19.31
CA ASP D 78 21.66 19.58 -20.28
C ASP D 78 21.09 18.35 -21.06
N GLY D 79 20.06 17.71 -20.50
CA GLY D 79 19.41 16.59 -21.18
C GLY D 79 20.03 15.25 -20.82
N LEU D 80 20.85 15.28 -19.78
CA LEU D 80 21.42 14.08 -19.21
C LEU D 80 20.58 13.75 -17.96
N VAL D 81 20.61 12.48 -17.60
CA VAL D 81 20.00 11.99 -16.37
C VAL D 81 21.19 11.84 -15.41
N TYR D 82 21.00 12.14 -14.15
CA TYR D 82 22.10 12.00 -13.21
C TYR D 82 21.72 10.92 -12.26
N GLU D 83 22.59 9.94 -12.08
CA GLU D 83 22.25 8.84 -11.20
C GLU D 83 22.11 9.26 -9.74
N GLY D 84 20.96 9.01 -9.13
CA GLY D 84 20.80 9.28 -7.71
C GLY D 84 20.94 7.94 -6.99
N ARG D 85 19.94 7.59 -6.17
CA ARG D 85 20.01 6.30 -5.50
C ARG D 85 19.69 5.21 -6.54
N GLY D 86 19.15 5.58 -7.69
CA GLY D 86 18.99 4.58 -8.74
C GLY D 86 17.84 3.62 -8.62
N TRP D 87 17.87 2.52 -9.37
CA TRP D 87 16.72 1.63 -9.43
C TRP D 87 16.40 0.76 -8.24
N ASN D 88 17.44 0.40 -7.49
CA ASN D 88 17.28 -0.61 -6.45
C ASN D 88 17.18 -0.22 -5.00
N ILE D 89 17.48 1.06 -4.74
CA ILE D 89 17.53 1.63 -3.37
C ILE D 89 16.42 2.64 -3.12
N LYS D 90 15.70 2.41 -2.03
CA LYS D 90 14.57 3.23 -1.59
C LYS D 90 15.07 4.63 -1.33
N GLY D 91 14.44 5.60 -1.98
CA GLY D 91 14.83 6.99 -1.84
C GLY D 91 13.92 7.73 -0.89
N ALA D 92 14.10 9.04 -0.81
CA ALA D 92 13.46 9.89 0.20
C ALA D 92 12.52 11.03 0.09
N HIS D 93 11.78 11.06 -1.01
CA HIS D 93 11.38 12.13 -1.90
C HIS D 93 9.90 12.34 -1.62
N ALA D 94 9.17 11.24 -1.41
CA ALA D 94 7.71 11.19 -1.42
C ALA D 94 7.02 10.68 -0.14
N GLY D 95 7.76 10.64 0.97
CA GLY D 95 7.17 10.23 2.24
C GLY D 95 7.13 8.74 2.47
N PRO D 96 6.81 8.35 3.73
CA PRO D 96 6.68 6.97 4.24
C PRO D 96 5.85 5.99 3.48
N THR D 97 4.89 6.54 2.76
CA THR D 97 3.95 5.68 2.04
C THR D 97 4.50 5.35 0.68
N TRP D 98 4.80 6.41 -0.06
CA TRP D 98 5.23 6.31 -1.44
C TRP D 98 6.69 5.86 -1.64
N ASN D 99 7.63 6.41 -0.87
CA ASN D 99 9.06 6.01 -0.93
C ASN D 99 9.37 4.51 -1.10
N PRO D 100 8.86 3.63 -0.22
CA PRO D 100 9.18 2.19 -0.42
C PRO D 100 8.73 1.59 -1.73
N ILE D 101 7.78 2.22 -2.40
CA ILE D 101 7.13 1.57 -3.54
C ILE D 101 7.21 2.33 -4.87
N SER D 102 8.08 3.34 -4.92
CA SER D 102 8.25 4.17 -6.10
C SER D 102 9.71 4.47 -6.38
N ILE D 103 9.90 5.24 -7.43
CA ILE D 103 11.18 5.68 -7.91
C ILE D 103 10.89 7.18 -8.04
N GLY D 104 11.67 8.01 -7.33
CA GLY D 104 11.55 9.46 -7.42
C GLY D 104 12.58 10.05 -8.37
N ILE D 105 12.06 10.69 -9.41
CA ILE D 105 12.94 11.33 -10.35
C ILE D 105 12.63 12.79 -10.16
N SER D 106 13.67 13.61 -10.06
CA SER D 106 13.50 15.04 -9.90
C SER D 106 14.20 15.84 -10.98
N PHE D 107 13.47 16.75 -11.61
CA PHE D 107 14.03 17.68 -12.56
C PHE D 107 14.69 18.81 -11.77
N MET D 108 15.97 19.07 -12.08
CA MET D 108 16.73 20.16 -11.46
C MET D 108 16.37 21.55 -11.98
N GLY D 109 15.57 22.27 -11.20
CA GLY D 109 15.15 23.60 -11.58
C GLY D 109 13.82 23.86 -10.92
N ASN D 110 13.20 24.99 -11.26
CA ASN D 110 11.87 25.32 -10.73
C ASN D 110 11.01 25.39 -11.99
N TYR D 111 9.93 24.63 -11.99
CA TYR D 111 9.04 24.63 -13.14
C TYR D 111 7.70 25.17 -12.76
N MET D 112 7.70 26.09 -11.79
CA MET D 112 6.42 26.73 -11.46
C MET D 112 5.95 27.56 -12.66
N ASN D 113 6.87 28.14 -13.41
CA ASN D 113 6.49 28.93 -14.58
C ASN D 113 7.02 28.66 -15.98
N ARG D 114 8.01 27.76 -16.03
CA ARG D 114 9.02 27.59 -17.08
C ARG D 114 9.21 26.10 -17.30
N VAL D 115 9.08 25.65 -18.56
CA VAL D 115 9.07 24.26 -18.82
C VAL D 115 10.46 23.68 -18.95
N PRO D 116 10.54 22.38 -18.68
CA PRO D 116 11.87 21.79 -18.88
C PRO D 116 11.98 21.76 -20.50
N PRO D 117 13.21 21.83 -21.05
CA PRO D 117 13.36 21.80 -22.52
C PRO D 117 13.09 20.38 -23.05
N PRO D 118 12.76 20.30 -24.33
CA PRO D 118 12.48 19.01 -24.99
C PRO D 118 13.46 17.92 -24.60
N ARG D 119 14.76 18.22 -24.64
CA ARG D 119 15.75 17.23 -24.34
C ARG D 119 15.68 16.78 -22.91
N ALA D 120 15.21 17.63 -21.99
CA ALA D 120 15.10 17.21 -20.58
C ALA D 120 13.97 16.17 -20.42
N LEU D 121 12.87 16.48 -21.11
CA LEU D 121 11.67 15.65 -21.12
C LEU D 121 11.99 14.32 -21.80
N ARG D 122 12.72 14.39 -22.92
CA ARG D 122 13.12 13.19 -23.62
C ARG D 122 13.98 12.37 -22.70
N ALA D 123 14.91 13.01 -22.01
CA ALA D 123 15.73 12.24 -21.10
C ALA D 123 14.92 11.41 -20.07
N ALA D 124 13.97 12.06 -19.38
CA ALA D 124 13.12 11.43 -18.36
C ALA D 124 12.27 10.28 -18.93
N GLN D 125 11.59 10.52 -20.05
CA GLN D 125 10.81 9.47 -20.67
C GLN D 125 11.65 8.25 -21.13
N ASN D 126 12.86 8.50 -21.61
CA ASN D 126 13.77 7.46 -22.05
C ASN D 126 14.28 6.67 -20.84
N LEU D 127 14.50 7.38 -19.73
CA LEU D 127 14.90 6.78 -18.46
C LEU D 127 13.85 5.77 -18.05
N LEU D 128 12.59 6.20 -18.17
CA LEU D 128 11.45 5.39 -17.77
C LEU D 128 11.33 4.20 -18.67
N ALA D 129 11.36 4.40 -19.99
CA ALA D 129 11.36 3.25 -20.91
C ALA D 129 12.48 2.27 -20.55
N CYS D 130 13.66 2.78 -20.22
CA CYS D 130 14.79 1.93 -19.82
C CYS D 130 14.50 1.09 -18.56
N GLY D 131 13.85 1.69 -17.56
CA GLY D 131 13.47 0.99 -16.33
C GLY D 131 12.52 -0.20 -16.56
N VAL D 132 11.57 0.00 -17.47
CA VAL D 132 10.69 -1.09 -17.89
C VAL D 132 11.57 -2.15 -18.56
N ALA D 133 12.40 -1.75 -19.53
CA ALA D 133 13.24 -2.71 -20.23
C ALA D 133 14.10 -3.57 -19.32
N LEU D 134 14.46 -3.07 -18.14
CA LEU D 134 15.36 -3.80 -17.23
C LEU D 134 14.64 -4.62 -16.18
N GLY D 135 13.33 -4.48 -16.20
CA GLY D 135 12.49 -5.03 -15.18
C GLY D 135 12.68 -4.28 -13.86
N ALA D 136 13.03 -2.98 -13.90
CA ALA D 136 13.13 -2.20 -12.65
C ALA D 136 11.76 -1.60 -12.39
N LEU D 137 11.05 -1.28 -13.47
CA LEU D 137 9.70 -0.79 -13.39
C LEU D 137 8.76 -1.81 -14.07
N ARG D 138 7.54 -1.90 -13.54
CA ARG D 138 6.48 -2.73 -14.09
C ARG D 138 6.09 -2.18 -15.46
N SER D 139 5.83 -3.08 -16.41
CA SER D 139 5.46 -2.66 -17.78
C SER D 139 4.35 -1.63 -17.78
N ASN D 140 3.42 -1.78 -16.83
CA ASN D 140 2.33 -0.84 -16.64
C ASN D 140 2.47 0.08 -15.40
N TYR D 141 3.71 0.47 -15.05
CA TYR D 141 3.97 1.43 -13.94
C TYR D 141 3.12 2.68 -14.17
N GLU D 142 2.88 3.46 -13.12
CA GLU D 142 2.08 4.68 -13.21
C GLU D 142 2.91 5.88 -12.80
N VAL D 143 2.70 7.04 -13.40
CA VAL D 143 3.43 8.21 -12.97
C VAL D 143 2.53 9.10 -12.15
N LYS D 144 3.06 9.68 -11.09
CA LYS D 144 2.30 10.68 -10.38
C LYS D 144 3.17 11.92 -10.19
N GLY D 145 2.52 13.08 -10.13
CA GLY D 145 3.21 14.28 -9.70
C GLY D 145 3.43 14.18 -8.15
N HIS D 146 4.55 14.72 -7.66
CA HIS D 146 4.85 14.80 -6.24
C HIS D 146 3.59 15.29 -5.46
N ARG D 147 2.97 16.37 -5.95
CA ARG D 147 1.78 16.99 -5.37
C ARG D 147 0.55 16.10 -5.43
N ASP D 148 0.63 14.98 -6.13
CA ASP D 148 -0.50 14.11 -6.16
C ASP D 148 -0.44 13.22 -4.94
N VAL D 149 0.72 13.21 -4.26
CA VAL D 149 0.95 12.33 -3.12
C VAL D 149 1.50 13.05 -1.89
N GLN D 150 1.97 14.28 -2.05
CA GLN D 150 2.46 15.04 -0.91
C GLN D 150 1.97 16.43 -1.10
N PRO D 151 1.74 17.13 0.01
CA PRO D 151 1.27 18.50 -0.11
C PRO D 151 2.35 19.54 -0.36
N THR D 152 2.48 19.93 -1.62
CA THR D 152 3.62 20.66 -2.15
C THR D 152 3.23 21.12 -3.54
N LEU D 153 3.90 22.17 -4.01
CA LEU D 153 3.69 22.67 -5.36
C LEU D 153 4.48 21.86 -6.41
N SER D 154 5.38 21.02 -5.99
CA SER D 154 6.25 20.31 -6.90
C SER D 154 5.54 19.17 -7.60
N PRO D 155 5.80 18.92 -8.88
CA PRO D 155 6.98 19.43 -9.63
C PRO D 155 6.88 20.76 -10.36
N GLY D 156 6.00 21.64 -9.93
CA GLY D 156 5.84 22.94 -10.59
C GLY D 156 4.70 22.90 -11.60
N ASP D 157 3.96 24.00 -11.72
CA ASP D 157 2.75 24.00 -12.53
C ASP D 157 2.92 23.60 -13.96
N ARG D 158 3.92 24.21 -14.58
CA ARG D 158 4.23 23.97 -15.98
C ARG D 158 4.61 22.51 -16.21
N LEU D 159 5.47 21.98 -15.34
CA LEU D 159 5.87 20.60 -15.48
C LEU D 159 4.77 19.59 -15.09
N TYR D 160 3.91 19.97 -14.15
CA TYR D 160 2.83 19.10 -13.68
C TYR D 160 1.91 18.94 -14.85
N GLU D 161 1.64 20.06 -15.50
CA GLU D 161 0.80 20.09 -16.69
C GLU D 161 1.33 19.14 -17.76
N ILE D 162 2.64 18.93 -17.83
CA ILE D 162 3.14 18.05 -18.86
C ILE D 162 3.08 16.60 -18.50
N ILE D 163 3.44 16.24 -17.26
CA ILE D 163 3.42 14.82 -16.92
C ILE D 163 2.03 14.22 -16.95
N GLN D 164 1.01 15.07 -16.74
CA GLN D 164 -0.40 14.65 -16.76
C GLN D 164 -0.79 14.10 -18.12
N THR D 165 -0.10 14.55 -19.18
CA THR D 165 -0.34 14.07 -20.55
C THR D 165 0.32 12.72 -20.91
N TRP D 166 1.19 12.21 -20.03
CA TRP D 166 2.00 11.02 -20.32
C TRP D 166 1.32 9.66 -20.36
N SER D 167 1.76 8.81 -21.29
CA SER D 167 1.26 7.45 -21.41
C SER D 167 0.89 6.80 -20.05
N HIS D 168 1.84 6.81 -19.10
CA HIS D 168 1.69 6.20 -17.77
C HIS D 168 1.18 7.05 -16.58
N TYR D 169 0.70 8.26 -16.88
CA TYR D 169 0.18 9.03 -15.79
C TYR D 169 -1.15 8.47 -15.28
N ARG D 170 -1.23 8.32 -13.96
CA ARG D 170 -2.42 7.84 -13.28
C ARG D 170 -2.70 8.73 -12.08
N ALA D 171 -3.75 9.54 -12.19
CA ALA D 171 -4.07 10.55 -11.17
C ALA D 171 -4.37 9.94 -9.82
#